data_3CEP
#
_entry.id   3CEP
#
_cell.length_a   184.024
_cell.length_b   58.908
_cell.length_c   67.086
_cell.angle_alpha   90.00
_cell.angle_beta   95.19
_cell.angle_gamma   90.00
#
_symmetry.space_group_name_H-M   'C 1 2 1'
#
loop_
_entity.id
_entity.type
_entity.pdbx_description
1 polymer 'Tryptophan synthase alpha chain'
2 polymer 'Tryptophan synthase beta chain'
3 non-polymer SN-GLYCEROL-3-PHOSPHATE
4 non-polymer INDOLINE
5 non-polymer 'CESIUM ION'
6 non-polymer "PYRIDOXAL-5'-PHOSPHATE"
7 non-polymer '3-hydroxy-2-iminopropanoic acid'
8 water water
#
loop_
_entity_poly.entity_id
_entity_poly.type
_entity_poly.pdbx_seq_one_letter_code
_entity_poly.pdbx_strand_id
1 'polypeptide(L)'
;MERYENLFAQLNDRREGAFVPFVTLGDPGIEQSLKIIDTLIDAGADALELGVPFSDPLADGPTIQNANLRAFAAGVTPAQ
CFEMLAIIREKHPTIPIGLLMYANLVFNNGIDAFYARCEQVGVDSVLVADVPVEESAPFRQAALRHNIAPIFICPPNADD
DLLRQVASYGRGYTYLLSRSGVTGAENRGALPLHHLIEKLKEYHAAPALQGFGISSPEQVSAAVRAGAAGAISGSAIVKI
IEKNLASPKQMLAELRSFVSAMKAASRA
;
A
2 'polypeptide(L)'
;TTLLNPYFGEFGGMYVPQILMPALNQLEEAFVSAQKDPEFQAQFADLLKNYAGRPTALTKCQNITAGTRTTLYLKREDLL
HGGAHKTNQVLGQALLAKRMGKSEIIAETGAGQHGVASALASALLGLKCRIYMGAKDVERQSPNVFRMRLMGAEVIPVHS
GSATLKDACNEALRDWSGSYETAHYMLGTAAGPHPYPTIVREFQRMIGEETKAQILDKEGRLPDAVIACVGGGSNAIGMF
ADFINDTSVGLIGVEPGGHGIETGEHGAPLKHGRVGIYFGMKAPMMQTADGQIEESYSISAGLDFPSVGPQHAYLNSIGR
ADYVSITDDEALEAFKTLCRHEGIIPALESSHALAHALKMMREQPEKEQLLVVNLSGRGDKDIFTVHDILKARGEI
;
B
#
loop_
_chem_comp.id
_chem_comp.type
_chem_comp.name
_chem_comp.formula
CS non-polymer 'CESIUM ION' 'Cs 1'
G3P non-polymer SN-GLYCEROL-3-PHOSPHATE 'C3 H9 O6 P'
IDM non-polymer INDOLINE 'C8 H9 N'
PLP non-polymer PYRIDOXAL-5'-PHOSPHATE 'C8 H10 N O6 P'
#
# COMPACT_ATOMS: atom_id res chain seq x y z
N GLU A 2 -30.60 14.12 -11.29
CA GLU A 2 -30.85 12.65 -11.39
C GLU A 2 -30.42 12.09 -12.77
N ARG A 3 -29.19 12.43 -13.17
CA ARG A 3 -28.72 12.13 -14.54
C ARG A 3 -28.61 10.63 -14.87
N TYR A 4 -28.17 9.82 -13.91
CA TYR A 4 -28.09 8.37 -14.12
C TYR A 4 -29.47 7.72 -14.27
N GLU A 5 -30.39 8.14 -13.40
CA GLU A 5 -31.77 7.64 -13.44
C GLU A 5 -32.41 7.94 -14.79
N ASN A 6 -32.26 9.18 -15.24
CA ASN A 6 -32.78 9.61 -16.54
C ASN A 6 -32.15 8.88 -17.71
N LEU A 7 -30.85 8.65 -17.64
CA LEU A 7 -30.12 7.96 -18.71
C LEU A 7 -30.58 6.51 -18.88
N PHE A 8 -30.55 5.75 -17.78
CA PHE A 8 -30.96 4.35 -17.82
C PHE A 8 -32.43 4.18 -18.18
N ALA A 9 -33.27 5.15 -17.80
CA ALA A 9 -34.66 5.17 -18.23
C ALA A 9 -34.79 5.34 -19.74
N GLN A 10 -33.99 6.26 -20.30
CA GLN A 10 -33.95 6.53 -21.73
C GLN A 10 -33.37 5.37 -22.53
N LEU A 11 -32.39 4.69 -21.95
CA LEU A 11 -31.73 3.56 -22.61
C LEU A 11 -32.60 2.31 -22.63
N ASN A 12 -33.28 2.03 -21.51
CA ASN A 12 -34.20 0.90 -21.44
C ASN A 12 -35.39 1.11 -22.37
N ASP A 13 -35.90 2.34 -22.39
CA ASP A 13 -36.93 2.76 -23.33
C ASP A 13 -36.50 2.49 -24.77
N ARG A 14 -35.20 2.68 -25.04
CA ARG A 14 -34.66 2.48 -26.38
C ARG A 14 -34.05 1.08 -26.55
N ARG A 15 -34.30 0.20 -25.58
CA ARG A 15 -33.80 -1.19 -25.59
C ARG A 15 -32.30 -1.20 -25.96
N GLU A 16 -31.53 -0.46 -25.18
CA GLU A 16 -30.15 -0.14 -25.50
C GLU A 16 -29.28 -0.21 -24.24
N GLY A 17 -28.04 -0.62 -24.41
CA GLY A 17 -27.06 -0.61 -23.32
C GLY A 17 -26.24 0.67 -23.36
N ALA A 18 -25.63 1.02 -22.22
CA ALA A 18 -24.77 2.20 -22.11
C ALA A 18 -23.34 1.89 -22.52
N PHE A 19 -22.72 2.81 -23.24
CA PHE A 19 -21.27 2.77 -23.38
C PHE A 19 -20.63 3.92 -22.62
N VAL A 20 -19.74 3.57 -21.69
CA VAL A 20 -19.07 4.55 -20.84
C VAL A 20 -17.55 4.51 -21.04
N PRO A 21 -17.00 5.50 -21.74
CA PRO A 21 -15.55 5.57 -21.85
C PRO A 21 -14.92 6.25 -20.64
N PHE A 22 -13.72 5.83 -20.26
CA PHE A 22 -12.94 6.52 -19.22
C PHE A 22 -11.71 7.22 -19.80
N VAL A 23 -11.42 8.42 -19.28
CA VAL A 23 -10.13 9.06 -19.50
C VAL A 23 -9.63 9.74 -18.22
N THR A 24 -8.31 9.91 -18.14
CA THR A 24 -7.70 10.68 -17.08
C THR A 24 -7.78 12.15 -17.47
N LEU A 25 -8.32 12.96 -16.56
CA LEU A 25 -8.46 14.39 -16.79
C LEU A 25 -7.08 15.04 -16.93
N GLY A 26 -6.86 15.74 -18.04
CA GLY A 26 -5.61 16.48 -18.27
C GLY A 26 -4.54 15.69 -19.00
N ASP A 27 -4.93 14.53 -19.53
CA ASP A 27 -4.04 13.68 -20.32
C ASP A 27 -4.37 13.88 -21.79
N PRO A 28 -3.38 14.33 -22.60
CA PRO A 28 -1.98 14.64 -22.25
C PRO A 28 -1.77 16.09 -21.81
N GLY A 29 -2.82 16.89 -21.87
CA GLY A 29 -2.80 18.28 -21.43
C GLY A 29 -4.24 18.67 -21.21
N ILE A 30 -4.47 19.82 -20.58
CA ILE A 30 -5.84 20.25 -20.27
C ILE A 30 -6.68 20.51 -21.54
N GLU A 31 -6.14 21.30 -22.48
CA GLU A 31 -6.83 21.63 -23.74
C GLU A 31 -7.21 20.39 -24.54
N GLN A 32 -6.22 19.55 -24.86
CA GLN A 32 -6.45 18.34 -25.65
C GLN A 32 -7.42 17.38 -24.95
N SER A 33 -7.33 17.32 -23.62
CA SER A 33 -8.22 16.45 -22.83
C SER A 33 -9.67 16.88 -22.94
N LEU A 34 -9.91 18.20 -22.87
CA LEU A 34 -11.25 18.75 -23.04
C LEU A 34 -11.79 18.41 -24.43
N LYS A 35 -10.96 18.58 -25.45
CA LYS A 35 -11.29 18.16 -26.83
C LYS A 35 -11.59 16.66 -26.89
N ILE A 36 -10.74 15.85 -26.27
CA ILE A 36 -10.95 14.39 -26.18
C ILE A 36 -12.35 14.09 -25.64
N ILE A 37 -12.71 14.75 -24.55
CA ILE A 37 -13.98 14.47 -23.87
C ILE A 37 -15.18 14.85 -24.75
N ASP A 38 -15.14 16.04 -25.34
CA ASP A 38 -16.16 16.46 -26.33
C ASP A 38 -16.31 15.47 -27.49
N THR A 39 -15.19 14.91 -27.96
CA THR A 39 -15.19 13.89 -29.02
C THR A 39 -15.82 12.57 -28.54
N LEU A 40 -15.53 12.20 -27.30
CA LEU A 40 -16.12 11.00 -26.70
C LEU A 40 -17.64 11.09 -26.65
N ILE A 41 -18.12 12.23 -26.16
CA ILE A 41 -19.56 12.52 -26.14
C ILE A 41 -20.14 12.54 -27.56
N ASP A 42 -19.51 13.32 -28.45
CA ASP A 42 -20.02 13.47 -29.82
C ASP A 42 -20.14 12.13 -30.54
N ALA A 43 -19.17 11.25 -30.31
CA ALA A 43 -19.16 9.92 -30.90
C ALA A 43 -20.20 8.97 -30.29
N GLY A 44 -20.82 9.39 -29.19
CA GLY A 44 -21.93 8.63 -28.62
C GLY A 44 -21.76 8.04 -27.23
N ALA A 45 -20.95 8.70 -26.39
CA ALA A 45 -20.83 8.28 -24.99
C ALA A 45 -22.12 8.55 -24.23
N ASP A 46 -22.61 7.53 -23.55
CA ASP A 46 -23.84 7.69 -22.76
C ASP A 46 -23.56 8.33 -21.41
N ALA A 47 -22.39 8.02 -20.85
CA ALA A 47 -21.94 8.65 -19.62
C ALA A 47 -20.43 8.78 -19.71
N LEU A 48 -19.84 9.52 -18.77
CA LEU A 48 -18.39 9.63 -18.69
C LEU A 48 -17.85 9.18 -17.33
N GLU A 49 -16.72 8.49 -17.35
CA GLU A 49 -15.93 8.25 -16.16
C GLU A 49 -14.60 8.99 -16.33
N LEU A 50 -14.29 9.86 -15.38
CA LEU A 50 -13.14 10.74 -15.46
C LEU A 50 -12.23 10.58 -14.23
N GLY A 51 -10.93 10.42 -14.47
CA GLY A 51 -9.97 10.20 -13.40
C GLY A 51 -9.20 11.44 -13.00
N VAL A 52 -9.05 11.65 -11.69
CA VAL A 52 -8.17 12.70 -11.19
C VAL A 52 -6.76 12.12 -11.01
N PRO A 53 -5.76 12.70 -11.72
CA PRO A 53 -4.38 12.21 -11.62
C PRO A 53 -3.96 11.98 -10.17
N PHE A 54 -3.55 10.75 -9.86
CA PHE A 54 -3.07 10.41 -8.52
C PHE A 54 -1.68 9.78 -8.57
N SER A 55 -0.89 10.07 -7.55
CA SER A 55 0.52 9.65 -7.51
C SER A 55 0.73 8.14 -7.56
N ASP A 56 -0.13 7.40 -6.86
CA ASP A 56 0.02 5.94 -6.75
C ASP A 56 -1.29 5.18 -6.97
N PRO A 57 -1.72 5.06 -8.25
CA PRO A 57 -2.96 4.37 -8.59
C PRO A 57 -2.86 2.84 -8.49
N LEU A 58 -3.12 2.30 -7.31
CA LEU A 58 -2.91 0.87 -7.02
C LEU A 58 -3.81 -0.10 -7.80
N ALA A 59 -4.95 0.36 -8.28
CA ALA A 59 -5.86 -0.51 -9.05
C ALA A 59 -5.65 -0.42 -10.56
N ASP A 60 -4.53 0.17 -10.97
CA ASP A 60 -4.29 0.47 -12.37
C ASP A 60 -3.04 -0.19 -12.94
N GLY A 61 -3.19 -0.75 -14.13
CA GLY A 61 -2.06 -1.29 -14.88
C GLY A 61 -1.32 -0.17 -15.58
N PRO A 62 -0.23 -0.48 -16.28
CA PRO A 62 0.65 0.52 -16.89
C PRO A 62 -0.03 1.54 -17.82
N THR A 63 -1.04 1.13 -18.57
CA THR A 63 -1.70 2.03 -19.53
C THR A 63 -2.22 3.28 -18.81
N ILE A 64 -3.04 3.07 -17.78
CA ILE A 64 -3.60 4.18 -17.02
C ILE A 64 -2.56 4.81 -16.07
N GLN A 65 -1.63 3.99 -15.56
CA GLN A 65 -0.50 4.52 -14.80
C GLN A 65 0.17 5.62 -15.59
N ASN A 66 0.35 5.38 -16.89
CA ASN A 66 0.99 6.35 -17.77
C ASN A 66 0.11 7.52 -18.14
N ALA A 67 -1.21 7.33 -18.02
CA ALA A 67 -2.15 8.41 -18.22
C ALA A 67 -2.05 9.42 -17.09
N ASN A 68 -1.94 8.90 -15.85
CA ASN A 68 -1.72 9.73 -14.68
C ASN A 68 -0.41 10.52 -14.80
N LEU A 69 0.65 9.85 -15.23
CA LEU A 69 1.97 10.47 -15.41
C LEU A 69 1.97 11.56 -16.49
N ARG A 70 1.35 11.29 -17.63
CA ARG A 70 1.20 12.32 -18.67
C ARG A 70 0.51 13.56 -18.13
N ALA A 71 -0.55 13.38 -17.37
CA ALA A 71 -1.26 14.48 -16.74
C ALA A 71 -0.34 15.26 -15.80
N PHE A 72 0.36 14.54 -14.90
CA PHE A 72 1.32 15.16 -13.99
C PHE A 72 2.44 15.91 -14.75
N ALA A 73 2.93 15.32 -15.83
CA ALA A 73 3.91 16.01 -16.70
C ALA A 73 3.33 17.32 -17.26
N ALA A 74 2.02 17.36 -17.46
CA ALA A 74 1.32 18.57 -17.89
C ALA A 74 1.01 19.52 -16.71
N GLY A 75 1.33 19.09 -15.50
CA GLY A 75 1.15 19.90 -14.29
C GLY A 75 -0.27 19.90 -13.74
N VAL A 76 -1.01 18.85 -14.04
CA VAL A 76 -2.44 18.78 -13.72
C VAL A 76 -2.70 18.43 -12.24
N THR A 77 -3.46 19.30 -11.58
CA THR A 77 -3.76 19.17 -10.16
C THR A 77 -5.25 18.80 -9.97
N PRO A 78 -5.62 18.26 -8.79
CA PRO A 78 -7.05 18.08 -8.51
C PRO A 78 -7.87 19.36 -8.71
N ALA A 79 -7.33 20.52 -8.31
CA ALA A 79 -8.04 21.79 -8.45
C ALA A 79 -8.31 22.14 -9.91
N GLN A 80 -7.36 21.86 -10.79
CA GLN A 80 -7.52 22.11 -12.22
C GLN A 80 -8.52 21.13 -12.83
N CYS A 81 -8.62 19.94 -12.24
CA CYS A 81 -9.58 18.93 -12.67
C CYS A 81 -11.03 19.39 -12.45
N PHE A 82 -11.26 20.08 -11.32
CA PHE A 82 -12.60 20.59 -10.99
C PHE A 82 -13.00 21.79 -11.84
N GLU A 83 -12.01 22.55 -12.30
CA GLU A 83 -12.23 23.60 -13.30
C GLU A 83 -12.68 22.97 -14.61
N MET A 84 -12.00 21.91 -15.03
CA MET A 84 -12.38 21.14 -16.22
C MET A 84 -13.81 20.61 -16.13
N LEU A 85 -14.12 19.95 -15.01
CA LEU A 85 -15.45 19.37 -14.78
C LEU A 85 -16.57 20.40 -14.90
N ALA A 86 -16.38 21.55 -14.28
CA ALA A 86 -17.32 22.67 -14.37
C ALA A 86 -17.51 23.10 -15.82
N ILE A 87 -16.41 23.18 -16.56
CA ILE A 87 -16.45 23.53 -17.99
C ILE A 87 -17.16 22.45 -18.81
N ILE A 88 -16.90 21.18 -18.48
CA ILE A 88 -17.54 20.05 -19.14
C ILE A 88 -19.05 20.04 -18.87
N ARG A 89 -19.44 20.22 -17.62
CA ARG A 89 -20.86 20.28 -17.22
C ARG A 89 -21.61 21.46 -17.86
N GLU A 90 -20.92 22.60 -17.99
CA GLU A 90 -21.47 23.77 -18.67
C GLU A 90 -21.90 23.48 -20.10
N LYS A 91 -21.10 22.65 -20.78
CA LYS A 91 -21.33 22.30 -22.18
C LYS A 91 -22.34 21.18 -22.33
N HIS A 92 -22.34 20.27 -21.36
CA HIS A 92 -23.18 19.07 -21.42
C HIS A 92 -23.99 18.95 -20.12
N PRO A 93 -25.23 19.47 -20.11
CA PRO A 93 -26.05 19.56 -18.92
C PRO A 93 -26.62 18.24 -18.42
N THR A 94 -26.71 17.24 -19.29
CA THR A 94 -27.48 16.03 -18.97
C THR A 94 -26.67 14.73 -18.92
N ILE A 95 -25.46 14.74 -19.49
CA ILE A 95 -24.64 13.53 -19.50
C ILE A 95 -24.17 13.22 -18.08
N PRO A 96 -24.38 11.97 -17.61
CA PRO A 96 -23.83 11.63 -16.30
C PRO A 96 -22.31 11.67 -16.29
N ILE A 97 -21.75 12.29 -15.25
CA ILE A 97 -20.32 12.35 -15.05
C ILE A 97 -19.94 11.65 -13.74
N GLY A 98 -19.13 10.61 -13.88
CA GLY A 98 -18.60 9.87 -12.74
C GLY A 98 -17.12 10.08 -12.58
N LEU A 99 -16.68 10.19 -11.33
CA LEU A 99 -15.27 10.35 -11.03
C LEU A 99 -14.67 9.06 -10.53
N LEU A 100 -13.45 8.78 -10.98
CA LEU A 100 -12.69 7.70 -10.38
C LEU A 100 -11.63 8.34 -9.51
N MET A 101 -11.74 8.06 -8.21
CA MET A 101 -10.86 8.63 -7.21
C MET A 101 -10.10 7.54 -6.46
N TYR A 102 -8.96 7.93 -5.91
CA TYR A 102 -8.31 7.16 -4.84
C TYR A 102 -8.58 7.87 -3.52
N ALA A 103 -8.66 7.10 -2.45
CA ALA A 103 -9.12 7.61 -1.14
C ALA A 103 -8.41 8.87 -0.65
N ASN A 104 -7.07 8.91 -0.77
CA ASN A 104 -6.34 10.04 -0.21
C ASN A 104 -6.74 11.37 -0.78
N LEU A 105 -7.11 11.37 -2.06
CA LEU A 105 -7.52 12.60 -2.74
C LEU A 105 -8.87 13.05 -2.22
N VAL A 106 -9.72 12.10 -1.82
CA VAL A 106 -11.02 12.42 -1.22
C VAL A 106 -10.84 12.88 0.23
N PHE A 107 -10.02 12.14 0.97
CA PHE A 107 -9.83 12.34 2.41
C PHE A 107 -8.97 13.55 2.74
N ASN A 108 -8.06 13.90 1.82
CA ASN A 108 -7.03 14.93 2.00
C ASN A 108 -7.45 16.21 2.73
N ASN A 109 -8.30 17.02 2.10
CA ASN A 109 -8.79 18.23 2.75
C ASN A 109 -10.22 18.09 3.24
N GLY A 110 -10.56 16.91 3.74
CA GLY A 110 -11.89 16.64 4.32
C GLY A 110 -12.84 15.97 3.35
N ILE A 111 -13.36 14.82 3.73
CA ILE A 111 -14.28 14.04 2.88
C ILE A 111 -15.52 14.83 2.49
N ASP A 112 -16.12 15.52 3.46
CA ASP A 112 -17.29 16.37 3.19
C ASP A 112 -16.97 17.45 2.17
N ALA A 113 -15.85 18.14 2.40
CA ALA A 113 -15.38 19.21 1.50
C ALA A 113 -15.23 18.70 0.07
N PHE A 114 -14.72 17.48 -0.08
CA PHE A 114 -14.57 16.90 -1.41
C PHE A 114 -15.88 16.74 -2.15
N TYR A 115 -16.86 16.09 -1.52
CA TYR A 115 -18.14 15.83 -2.16
C TYR A 115 -18.92 17.11 -2.44
N ALA A 116 -18.78 18.10 -1.54
CA ALA A 116 -19.41 19.40 -1.70
C ALA A 116 -18.90 20.07 -2.97
N ARG A 117 -17.59 19.99 -3.20
CA ARG A 117 -16.98 20.52 -4.42
C ARG A 117 -17.49 19.76 -5.65
N CYS A 118 -17.60 18.45 -5.53
CA CYS A 118 -18.14 17.61 -6.61
C CYS A 118 -19.50 18.11 -7.07
N GLU A 119 -20.42 18.24 -6.12
CA GLU A 119 -21.75 18.80 -6.35
C GLU A 119 -21.67 20.18 -6.99
N GLN A 120 -20.88 21.07 -6.39
CA GLN A 120 -20.66 22.42 -6.90
C GLN A 120 -20.38 22.44 -8.39
N VAL A 121 -19.60 21.48 -8.88
CA VAL A 121 -19.19 21.44 -10.30
C VAL A 121 -20.12 20.60 -11.19
N GLY A 122 -21.01 19.84 -10.55
CA GLY A 122 -22.03 19.08 -11.28
C GLY A 122 -21.67 17.64 -11.59
N VAL A 123 -20.76 17.07 -10.81
CA VAL A 123 -20.42 15.66 -10.87
C VAL A 123 -21.61 14.85 -10.34
N ASP A 124 -21.85 13.67 -10.93
CA ASP A 124 -23.00 12.85 -10.53
C ASP A 124 -22.65 11.69 -9.61
N SER A 125 -21.46 11.12 -9.78
CA SER A 125 -21.06 10.00 -8.95
C SER A 125 -19.56 9.99 -8.66
N VAL A 126 -19.18 9.29 -7.59
CA VAL A 126 -17.77 9.10 -7.28
C VAL A 126 -17.50 7.62 -6.99
N LEU A 127 -16.50 7.08 -7.65
CA LEU A 127 -16.00 5.75 -7.34
C LEU A 127 -14.66 5.91 -6.63
N VAL A 128 -14.57 5.44 -5.39
CA VAL A 128 -13.28 5.44 -4.69
C VAL A 128 -12.68 4.02 -4.72
N ALA A 129 -11.69 3.85 -5.58
CA ALA A 129 -11.13 2.52 -5.92
C ALA A 129 -10.64 1.70 -4.72
N ASP A 130 -10.05 2.36 -3.74
CA ASP A 130 -9.46 1.67 -2.59
C ASP A 130 -10.27 1.79 -1.31
N VAL A 131 -11.57 2.09 -1.45
CA VAL A 131 -12.49 2.11 -0.31
C VAL A 131 -13.57 1.04 -0.49
N PRO A 132 -13.41 -0.11 0.19
CA PRO A 132 -14.40 -1.17 0.08
C PRO A 132 -15.64 -0.81 0.91
N VAL A 133 -16.73 -1.55 0.74
CA VAL A 133 -17.97 -1.25 1.49
C VAL A 133 -17.73 -1.17 2.99
N GLU A 134 -16.77 -1.96 3.46
CA GLU A 134 -16.40 -2.03 4.88
C GLU A 134 -15.88 -0.71 5.44
N GLU A 135 -15.25 0.11 4.59
CA GLU A 135 -14.67 1.39 5.01
C GLU A 135 -15.42 2.61 4.49
N SER A 136 -16.57 2.40 3.86
CA SER A 136 -17.22 3.42 3.04
C SER A 136 -18.14 4.42 3.76
N ALA A 137 -18.47 4.15 5.02
CA ALA A 137 -19.47 4.95 5.73
C ALA A 137 -19.35 6.48 5.59
N PRO A 138 -18.23 7.09 6.03
CA PRO A 138 -18.17 8.54 5.88
C PRO A 138 -18.17 8.99 4.43
N PHE A 139 -17.75 8.12 3.52
CA PHE A 139 -17.67 8.42 2.09
C PHE A 139 -19.05 8.46 1.44
N ARG A 140 -19.85 7.43 1.68
CA ARG A 140 -21.18 7.35 1.09
C ARG A 140 -22.16 8.31 1.77
N GLN A 141 -21.94 8.60 3.06
CA GLN A 141 -22.79 9.59 3.75
C GLN A 141 -22.57 10.99 3.19
N ALA A 142 -21.30 11.36 2.99
CA ALA A 142 -20.94 12.68 2.48
C ALA A 142 -21.37 12.85 1.03
N ALA A 143 -21.25 11.78 0.26
CA ALA A 143 -21.77 11.71 -1.09
C ALA A 143 -23.27 12.04 -1.13
N LEU A 144 -24.05 11.30 -0.35
CA LEU A 144 -25.51 11.46 -0.34
C LEU A 144 -25.91 12.86 0.15
N ARG A 145 -25.24 13.33 1.19
CA ARG A 145 -25.43 14.69 1.69
C ARG A 145 -25.32 15.77 0.60
N HIS A 146 -24.50 15.49 -0.40
CA HIS A 146 -24.24 16.47 -1.46
C HIS A 146 -24.75 15.99 -2.81
N ASN A 147 -25.75 15.12 -2.76
CA ASN A 147 -26.47 14.63 -3.94
C ASN A 147 -25.53 13.99 -4.97
N ILE A 148 -24.46 13.37 -4.47
CA ILE A 148 -23.55 12.60 -5.31
C ILE A 148 -23.84 11.12 -5.09
N ALA A 149 -23.85 10.35 -6.17
CA ALA A 149 -23.98 8.91 -6.07
C ALA A 149 -22.64 8.30 -5.64
N PRO A 150 -22.63 7.55 -4.50
CA PRO A 150 -21.44 6.77 -4.18
C PRO A 150 -21.44 5.46 -4.97
N ILE A 151 -20.35 5.18 -5.67
CA ILE A 151 -20.25 3.97 -6.50
C ILE A 151 -19.46 2.89 -5.78
N PHE A 152 -19.96 1.66 -5.89
CA PHE A 152 -19.29 0.50 -5.32
C PHE A 152 -19.08 -0.60 -6.34
N ILE A 153 -17.93 -1.25 -6.23
CA ILE A 153 -17.57 -2.36 -7.10
C ILE A 153 -18.14 -3.67 -6.58
N CYS A 154 -18.79 -4.40 -7.48
CA CYS A 154 -19.22 -5.76 -7.24
C CYS A 154 -18.22 -6.67 -7.94
N PRO A 155 -17.33 -7.31 -7.15
CA PRO A 155 -16.28 -8.16 -7.72
C PRO A 155 -16.81 -9.54 -8.08
N PRO A 156 -16.12 -10.29 -8.96
CA PRO A 156 -16.56 -11.64 -9.28
C PRO A 156 -16.66 -12.57 -8.06
N ASN A 157 -15.84 -12.32 -7.03
CA ASN A 157 -15.84 -13.13 -5.81
C ASN A 157 -16.79 -12.63 -4.70
N ALA A 158 -17.80 -11.84 -5.09
CA ALA A 158 -18.79 -11.30 -4.16
C ALA A 158 -19.69 -12.38 -3.58
N ASP A 159 -19.83 -12.41 -2.25
CA ASP A 159 -20.83 -13.26 -1.61
C ASP A 159 -22.16 -12.51 -1.48
N ASP A 160 -23.17 -13.19 -0.91
CA ASP A 160 -24.53 -12.64 -0.85
C ASP A 160 -24.61 -11.37 0.01
N ASP A 161 -23.98 -11.42 1.18
CA ASP A 161 -23.93 -10.28 2.09
C ASP A 161 -23.33 -9.03 1.43
N LEU A 162 -22.26 -9.21 0.64
CA LEU A 162 -21.67 -8.12 -0.12
C LEU A 162 -22.64 -7.56 -1.15
N LEU A 163 -23.19 -8.46 -1.97
CA LEU A 163 -24.23 -8.12 -2.95
C LEU A 163 -25.32 -7.21 -2.37
N ARG A 164 -25.87 -7.61 -1.23
CA ARG A 164 -26.92 -6.84 -0.56
C ARG A 164 -26.41 -5.51 -0.03
N GLN A 165 -25.14 -5.47 0.35
CA GLN A 165 -24.51 -4.23 0.79
C GLN A 165 -24.31 -3.27 -0.37
N VAL A 166 -23.79 -3.78 -1.49
CA VAL A 166 -23.60 -2.97 -2.69
C VAL A 166 -24.94 -2.42 -3.20
N ALA A 167 -25.97 -3.26 -3.16
CA ALA A 167 -27.32 -2.90 -3.61
C ALA A 167 -27.92 -1.76 -2.78
N SER A 168 -27.65 -1.78 -1.49
CA SER A 168 -28.21 -0.77 -0.58
C SER A 168 -27.38 0.50 -0.50
N TYR A 169 -26.05 0.35 -0.51
CA TYR A 169 -25.14 1.47 -0.31
C TYR A 169 -24.92 2.32 -1.55
N GLY A 170 -24.94 1.68 -2.71
CA GLY A 170 -24.62 2.35 -3.96
C GLY A 170 -25.80 3.09 -4.57
N ARG A 171 -25.50 3.96 -5.52
CA ARG A 171 -26.51 4.72 -6.25
C ARG A 171 -26.00 4.97 -7.67
N GLY A 172 -26.90 5.32 -8.58
CA GLY A 172 -26.53 5.70 -9.94
C GLY A 172 -26.27 4.48 -10.82
N TYR A 173 -25.18 3.77 -10.52
CA TYR A 173 -24.87 2.51 -11.18
C TYR A 173 -24.02 1.63 -10.26
N THR A 174 -24.13 0.31 -10.43
CA THR A 174 -23.26 -0.64 -9.76
C THR A 174 -22.07 -0.93 -10.66
N TYR A 175 -20.86 -0.89 -10.12
CA TYR A 175 -19.68 -1.23 -10.90
C TYR A 175 -19.46 -2.73 -10.84
N LEU A 176 -19.73 -3.39 -11.97
CA LEU A 176 -19.57 -4.83 -12.08
C LEU A 176 -18.20 -5.14 -12.66
N LEU A 177 -17.36 -5.72 -11.80
CA LEU A 177 -15.98 -5.98 -12.12
C LEU A 177 -15.86 -7.28 -12.92
N SER A 178 -15.25 -7.19 -14.10
CA SER A 178 -15.21 -8.29 -15.03
C SER A 178 -14.24 -9.40 -14.62
N ARG A 179 -13.29 -9.06 -13.76
CA ARG A 179 -12.19 -9.97 -13.37
C ARG A 179 -11.39 -9.38 -12.24
N SER A 180 -10.60 -10.22 -11.57
CA SER A 180 -9.62 -9.74 -10.60
C SER A 180 -8.46 -9.07 -11.32
N GLY A 181 -7.50 -8.56 -10.55
CA GLY A 181 -6.35 -7.87 -11.14
C GLY A 181 -6.53 -6.37 -11.14
N VAL A 182 -5.80 -5.71 -12.04
CA VAL A 182 -5.82 -4.27 -12.18
C VAL A 182 -6.28 -3.91 -13.60
N THR A 183 -6.55 -2.63 -13.83
CA THR A 183 -7.05 -2.18 -15.15
C THR A 183 -6.08 -2.59 -16.26
N GLY A 184 -6.64 -2.90 -17.43
CA GLY A 184 -5.83 -3.31 -18.56
C GLY A 184 -6.66 -3.86 -19.70
N ALA A 185 -6.48 -3.28 -20.87
CA ALA A 185 -7.20 -3.68 -22.09
C ALA A 185 -6.84 -5.08 -22.59
N GLU A 186 -5.60 -5.50 -22.33
CA GLU A 186 -5.10 -6.81 -22.77
C GLU A 186 -5.71 -7.96 -21.96
N ASN A 187 -5.81 -7.76 -20.64
CA ASN A 187 -6.40 -8.74 -19.74
C ASN A 187 -7.94 -8.69 -19.77
N ARG A 188 -8.54 -9.66 -20.46
CA ARG A 188 -10.00 -9.70 -20.64
C ARG A 188 -10.68 -10.65 -19.66
N GLY A 189 -11.82 -10.21 -19.12
CA GLY A 189 -12.62 -11.03 -18.21
C GLY A 189 -13.45 -12.05 -19.00
N ALA A 190 -13.33 -13.32 -18.62
CA ALA A 190 -14.03 -14.42 -19.31
C ALA A 190 -15.12 -15.05 -18.45
N LEU A 191 -14.92 -15.04 -17.13
CA LEU A 191 -15.85 -15.60 -16.15
C LEU A 191 -17.27 -15.04 -16.32
N PRO A 192 -18.28 -15.93 -16.37
CA PRO A 192 -19.67 -15.51 -16.52
C PRO A 192 -20.18 -14.72 -15.30
N LEU A 193 -20.87 -13.61 -15.57
CA LEU A 193 -21.34 -12.72 -14.52
C LEU A 193 -22.86 -12.77 -14.34
N HIS A 194 -23.50 -13.66 -15.08
CA HIS A 194 -24.97 -13.81 -15.08
C HIS A 194 -25.58 -13.94 -13.69
N HIS A 195 -24.92 -14.73 -12.85
CA HIS A 195 -25.35 -14.99 -11.47
C HIS A 195 -25.39 -13.73 -10.62
N LEU A 196 -24.38 -12.87 -10.80
CA LEU A 196 -24.26 -11.62 -10.04
C LEU A 196 -25.28 -10.59 -10.49
N ILE A 197 -25.45 -10.44 -11.80
CA ILE A 197 -26.39 -9.47 -12.39
C ILE A 197 -27.82 -9.69 -11.91
N GLU A 198 -28.25 -10.94 -11.91
CA GLU A 198 -29.62 -11.29 -11.48
C GLU A 198 -29.83 -11.06 -9.99
N LYS A 199 -28.82 -11.39 -9.17
CA LYS A 199 -28.87 -11.14 -7.74
C LYS A 199 -28.92 -9.65 -7.42
N LEU A 200 -28.17 -8.86 -8.19
CA LEU A 200 -28.18 -7.40 -8.04
C LEU A 200 -29.53 -6.82 -8.43
N LYS A 201 -30.14 -7.39 -9.47
CA LYS A 201 -31.48 -6.98 -9.89
C LYS A 201 -32.52 -7.38 -8.84
N GLU A 202 -32.31 -8.54 -8.22
CA GLU A 202 -33.17 -9.03 -7.16
C GLU A 202 -33.15 -8.09 -5.94
N TYR A 203 -31.97 -7.62 -5.59
CA TYR A 203 -31.79 -6.72 -4.45
C TYR A 203 -31.96 -5.24 -4.81
N HIS A 204 -32.43 -4.99 -6.03
CA HIS A 204 -32.69 -3.63 -6.53
C HIS A 204 -31.48 -2.69 -6.45
N ALA A 205 -30.33 -3.23 -6.86
CA ALA A 205 -29.13 -2.42 -7.01
C ALA A 205 -29.26 -1.49 -8.21
N ALA A 206 -28.59 -0.34 -8.11
CA ALA A 206 -28.43 0.54 -9.26
C ALA A 206 -27.95 -0.27 -10.47
N PRO A 207 -28.40 0.10 -11.69
CA PRO A 207 -28.05 -0.60 -12.93
C PRO A 207 -26.55 -0.91 -13.03
N ALA A 208 -26.21 -2.11 -13.49
CA ALA A 208 -24.82 -2.55 -13.49
C ALA A 208 -24.11 -2.22 -14.79
N LEU A 209 -22.89 -1.71 -14.66
CA LEU A 209 -22.01 -1.52 -15.82
C LEU A 209 -20.78 -2.36 -15.62
N GLN A 210 -20.45 -3.18 -16.61
CA GLN A 210 -19.24 -4.00 -16.55
C GLN A 210 -18.00 -3.20 -16.92
N GLY A 211 -16.93 -3.38 -16.15
CA GLY A 211 -15.66 -2.70 -16.41
C GLY A 211 -14.46 -3.56 -16.04
N PHE A 212 -13.35 -3.28 -16.73
CA PHE A 212 -12.05 -4.02 -16.67
C PHE A 212 -11.88 -4.94 -17.86
N GLY A 213 -10.96 -4.58 -18.76
CA GLY A 213 -10.63 -5.41 -19.91
C GLY A 213 -11.58 -5.36 -21.10
N ILE A 214 -12.53 -4.42 -21.09
CA ILE A 214 -13.45 -4.24 -22.20
C ILE A 214 -12.79 -3.35 -23.26
N SER A 215 -12.45 -3.93 -24.40
CA SER A 215 -11.71 -3.17 -25.43
C SER A 215 -12.19 -3.42 -26.86
N SER A 216 -13.27 -4.18 -26.98
CA SER A 216 -13.83 -4.56 -28.27
C SER A 216 -15.35 -4.55 -28.19
N PRO A 217 -16.02 -4.21 -29.32
CA PRO A 217 -17.48 -4.17 -29.40
C PRO A 217 -18.15 -5.48 -28.96
N GLU A 218 -17.54 -6.62 -29.29
CA GLU A 218 -18.05 -7.93 -28.89
C GLU A 218 -18.23 -8.06 -27.37
N GLN A 219 -17.31 -7.45 -26.62
CA GLN A 219 -17.36 -7.49 -25.15
C GLN A 219 -18.47 -6.60 -24.59
N VAL A 220 -18.77 -5.53 -25.32
CA VAL A 220 -19.87 -4.63 -24.98
C VAL A 220 -21.21 -5.33 -25.16
N SER A 221 -21.41 -5.95 -26.32
CA SER A 221 -22.62 -6.71 -26.63
C SER A 221 -22.83 -7.87 -25.66
N ALA A 222 -21.77 -8.64 -25.44
CA ALA A 222 -21.79 -9.76 -24.48
C ALA A 222 -22.24 -9.29 -23.12
N ALA A 223 -21.67 -8.16 -22.68
CA ALA A 223 -22.03 -7.53 -21.41
C ALA A 223 -23.52 -7.22 -21.34
N VAL A 224 -24.03 -6.59 -22.40
CA VAL A 224 -25.45 -6.26 -22.53
C VAL A 224 -26.32 -7.52 -22.56
N ARG A 225 -25.97 -8.48 -23.42
CA ARG A 225 -26.70 -9.75 -23.53
C ARG A 225 -26.71 -10.55 -22.22
N ALA A 226 -25.66 -10.38 -21.41
CA ALA A 226 -25.59 -11.01 -20.09
C ALA A 226 -26.58 -10.36 -19.09
N GLY A 227 -27.15 -9.22 -19.48
CA GLY A 227 -28.14 -8.54 -18.65
C GLY A 227 -27.66 -7.26 -18.00
N ALA A 228 -26.40 -6.91 -18.23
CA ALA A 228 -25.83 -5.68 -17.70
C ALA A 228 -26.47 -4.49 -18.38
N ALA A 229 -26.50 -3.34 -17.69
CA ALA A 229 -27.04 -2.11 -18.26
C ALA A 229 -26.06 -1.43 -19.21
N GLY A 230 -24.83 -1.94 -19.27
CA GLY A 230 -23.83 -1.42 -20.19
C GLY A 230 -22.40 -1.82 -19.88
N ALA A 231 -21.46 -1.14 -20.53
CA ALA A 231 -20.05 -1.48 -20.41
C ALA A 231 -19.16 -0.24 -20.36
N ILE A 232 -18.06 -0.36 -19.62
CA ILE A 232 -17.10 0.70 -19.42
C ILE A 232 -15.77 0.28 -20.05
N SER A 233 -15.20 1.18 -20.85
CA SER A 233 -13.88 0.96 -21.41
C SER A 233 -12.95 2.09 -20.99
N GLY A 234 -11.83 1.74 -20.37
CA GLY A 234 -10.84 2.71 -19.91
C GLY A 234 -9.53 2.60 -20.67
N SER A 235 -8.75 1.57 -20.37
CA SER A 235 -7.41 1.39 -20.94
C SER A 235 -7.40 1.41 -22.48
N ALA A 236 -8.43 0.84 -23.10
CA ALA A 236 -8.59 0.85 -24.55
C ALA A 236 -8.63 2.27 -25.10
N ILE A 237 -9.42 3.12 -24.44
CA ILE A 237 -9.53 4.54 -24.77
C ILE A 237 -8.18 5.25 -24.62
N VAL A 238 -7.58 5.08 -23.45
CA VAL A 238 -6.29 5.71 -23.09
C VAL A 238 -5.13 5.29 -24.03
N LYS A 239 -5.16 4.04 -24.48
CA LYS A 239 -4.18 3.52 -25.45
C LYS A 239 -4.16 4.31 -26.77
N ILE A 240 -5.31 4.81 -27.19
CA ILE A 240 -5.44 5.62 -28.40
C ILE A 240 -4.82 7.00 -28.20
N ILE A 241 -4.98 7.55 -26.99
CA ILE A 241 -4.29 8.79 -26.60
C ILE A 241 -2.78 8.57 -26.65
N GLU A 242 -2.31 7.54 -25.93
CA GLU A 242 -0.90 7.17 -25.88
C GLU A 242 -0.31 6.96 -27.29
N LYS A 243 -1.02 6.23 -28.13
CA LYS A 243 -0.54 5.89 -29.47
C LYS A 243 -0.43 7.11 -30.39
N ASN A 244 -1.29 8.09 -30.18
CA ASN A 244 -1.39 9.22 -31.09
C ASN A 244 -0.95 10.57 -30.52
N LEU A 245 -0.07 10.53 -29.51
CA LEU A 245 0.39 11.72 -28.81
C LEU A 245 0.97 12.79 -29.75
N ALA A 246 1.66 12.35 -30.79
CA ALA A 246 2.28 13.27 -31.75
C ALA A 246 1.32 13.68 -32.87
N SER A 247 0.22 12.95 -32.98
CA SER A 247 -0.81 13.21 -34.00
C SER A 247 -2.16 13.50 -33.32
N PRO A 248 -2.33 14.73 -32.80
CA PRO A 248 -3.50 15.17 -32.02
C PRO A 248 -4.82 15.06 -32.78
N LYS A 249 -4.80 15.38 -34.07
CA LYS A 249 -6.00 15.30 -34.91
C LYS A 249 -6.40 13.85 -35.21
N GLN A 250 -5.41 13.01 -35.51
CA GLN A 250 -5.64 11.58 -35.74
C GLN A 250 -6.09 10.88 -34.45
N MET A 251 -5.68 11.40 -33.30
CA MET A 251 -6.11 10.87 -32.01
C MET A 251 -7.63 10.92 -31.88
N LEU A 252 -8.19 12.11 -32.12
CA LEU A 252 -9.63 12.34 -32.01
C LEU A 252 -10.38 11.54 -33.06
N ALA A 253 -9.77 11.41 -34.23
CA ALA A 253 -10.34 10.61 -35.33
C ALA A 253 -10.49 9.15 -34.92
N GLU A 254 -9.40 8.59 -34.40
CA GLU A 254 -9.37 7.19 -33.94
C GLU A 254 -10.24 6.96 -32.70
N LEU A 255 -10.35 7.97 -31.85
CA LEU A 255 -11.19 7.91 -30.66
C LEU A 255 -12.67 7.88 -31.05
N ARG A 256 -13.06 8.78 -31.95
CA ARG A 256 -14.42 8.82 -32.50
C ARG A 256 -14.81 7.48 -33.11
N SER A 257 -13.93 6.92 -33.92
CA SER A 257 -14.16 5.61 -34.54
C SER A 257 -14.40 4.50 -33.50
N PHE A 258 -13.54 4.45 -32.49
CA PHE A 258 -13.63 3.43 -31.44
C PHE A 258 -14.92 3.54 -30.63
N VAL A 259 -15.23 4.76 -30.15
CA VAL A 259 -16.41 5.01 -29.33
C VAL A 259 -17.69 4.70 -30.12
N SER A 260 -17.71 5.15 -31.38
CA SER A 260 -18.81 4.90 -32.29
C SER A 260 -19.03 3.41 -32.51
N ALA A 261 -17.93 2.66 -32.66
CA ALA A 261 -17.99 1.21 -32.82
C ALA A 261 -18.46 0.53 -31.53
N MET A 262 -17.97 1.02 -30.40
CA MET A 262 -18.32 0.46 -29.10
C MET A 262 -19.76 0.74 -28.73
N LYS A 263 -20.23 1.93 -29.07
CA LYS A 263 -21.61 2.33 -28.81
C LYS A 263 -22.59 1.57 -29.69
N ALA A 264 -22.24 1.38 -30.95
CA ALA A 264 -23.05 0.60 -31.89
C ALA A 264 -23.37 -0.80 -31.33
N ALA A 265 -22.33 -1.45 -30.81
CA ALA A 265 -22.45 -2.80 -30.24
C ALA A 265 -23.28 -2.87 -28.96
N SER A 266 -23.55 -1.72 -28.35
CA SER A 266 -24.35 -1.64 -27.13
C SER A 266 -25.86 -1.68 -27.40
N ARG A 267 -26.24 -1.55 -28.66
CA ARG A 267 -27.65 -1.47 -29.06
C ARG A 267 -28.33 -2.84 -29.20
N THR B 1 -16.95 -6.65 8.24
CA THR B 1 -16.92 -7.46 9.50
C THR B 1 -15.59 -8.22 9.60
N THR B 2 -14.96 -8.14 10.76
CA THR B 2 -13.69 -8.82 11.03
C THR B 2 -13.72 -9.47 12.41
N LEU B 3 -12.83 -10.41 12.65
CA LEU B 3 -12.76 -11.08 13.96
C LEU B 3 -12.03 -10.20 14.96
N LEU B 4 -11.03 -9.48 14.47
CA LEU B 4 -10.18 -8.63 15.28
C LEU B 4 -10.36 -7.18 14.87
N ASN B 5 -10.04 -6.29 15.80
CA ASN B 5 -10.08 -4.87 15.56
C ASN B 5 -9.01 -4.41 14.54
N PRO B 6 -9.45 -3.91 13.37
CA PRO B 6 -8.55 -3.42 12.31
C PRO B 6 -7.85 -2.11 12.61
N TYR B 7 -8.29 -1.43 13.65
CA TYR B 7 -7.87 -0.05 13.94
C TYR B 7 -7.11 0.08 15.24
N PHE B 8 -6.18 1.04 15.24
CA PHE B 8 -5.47 1.46 16.45
C PHE B 8 -5.83 2.91 16.69
N GLY B 9 -6.86 3.16 17.48
CA GLY B 9 -7.47 4.48 17.52
C GLY B 9 -7.95 4.81 16.11
N GLU B 10 -7.49 5.94 15.56
CA GLU B 10 -7.90 6.41 14.23
C GLU B 10 -7.20 5.67 13.08
N PHE B 11 -6.13 4.96 13.40
CA PHE B 11 -5.22 4.46 12.37
C PHE B 11 -5.41 2.98 12.07
N GLY B 12 -5.16 2.60 10.82
CA GLY B 12 -5.32 1.23 10.38
C GLY B 12 -6.38 1.11 9.31
N GLY B 13 -7.22 0.10 9.45
CA GLY B 13 -8.27 -0.18 8.49
C GLY B 13 -7.87 -1.16 7.40
N MET B 14 -8.73 -1.23 6.38
CA MET B 14 -8.57 -2.16 5.27
C MET B 14 -8.93 -1.46 3.99
N TYR B 15 -8.12 -0.46 3.62
CA TYR B 15 -8.38 0.34 2.42
C TYR B 15 -7.83 -0.27 1.16
N VAL B 16 -8.41 -1.41 0.78
CA VAL B 16 -8.05 -2.10 -0.47
C VAL B 16 -9.26 -2.15 -1.40
N PRO B 17 -9.02 -2.28 -2.72
CA PRO B 17 -10.12 -2.58 -3.63
C PRO B 17 -10.94 -3.75 -3.11
N GLN B 18 -12.24 -3.74 -3.39
CA GLN B 18 -13.16 -4.75 -2.84
C GLN B 18 -12.71 -6.17 -3.16
N ILE B 19 -12.02 -6.33 -4.30
CA ILE B 19 -11.57 -7.63 -4.77
C ILE B 19 -10.66 -8.36 -3.76
N LEU B 20 -9.93 -7.60 -2.96
CA LEU B 20 -8.94 -8.19 -2.05
C LEU B 20 -9.45 -8.44 -0.64
N MET B 21 -10.68 -8.00 -0.36
CA MET B 21 -11.23 -8.12 1.00
C MET B 21 -11.37 -9.57 1.47
N PRO B 22 -11.91 -10.47 0.63
CA PRO B 22 -11.94 -11.89 0.99
C PRO B 22 -10.57 -12.50 1.29
N ALA B 23 -9.54 -12.13 0.52
CA ALA B 23 -8.17 -12.54 0.83
C ALA B 23 -7.74 -12.12 2.24
N LEU B 24 -8.01 -10.87 2.58
CA LEU B 24 -7.65 -10.32 3.89
C LEU B 24 -8.44 -11.01 5.00
N ASN B 25 -9.74 -11.20 4.80
CA ASN B 25 -10.59 -11.90 5.76
C ASN B 25 -10.18 -13.37 5.96
N GLN B 26 -9.79 -14.02 4.86
CA GLN B 26 -9.29 -15.40 4.90
C GLN B 26 -8.00 -15.46 5.71
N LEU B 27 -7.14 -14.48 5.49
CA LEU B 27 -5.87 -14.41 6.19
C LEU B 27 -6.07 -14.21 7.70
N GLU B 28 -6.96 -13.27 8.05
CA GLU B 28 -7.27 -13.00 9.44
C GLU B 28 -7.82 -14.25 10.11
N GLU B 29 -8.77 -14.91 9.46
CA GLU B 29 -9.31 -16.17 9.97
C GLU B 29 -8.21 -17.22 10.19
N ALA B 30 -7.35 -17.40 9.18
CA ALA B 30 -6.27 -18.39 9.28
C ALA B 30 -5.35 -18.09 10.47
N PHE B 31 -5.10 -16.79 10.68
CA PHE B 31 -4.24 -16.33 11.76
C PHE B 31 -4.85 -16.60 13.13
N VAL B 32 -6.09 -16.18 13.33
CA VAL B 32 -6.79 -16.40 14.59
C VAL B 32 -6.78 -17.89 14.92
N SER B 33 -7.11 -18.71 13.92
CA SER B 33 -7.11 -20.16 14.06
C SER B 33 -5.73 -20.74 14.45
N ALA B 34 -4.70 -20.32 13.71
CA ALA B 34 -3.32 -20.77 13.95
C ALA B 34 -2.82 -20.40 15.34
N GLN B 35 -3.13 -19.18 15.77
CA GLN B 35 -2.74 -18.69 17.09
C GLN B 35 -3.27 -19.56 18.22
N LYS B 36 -4.45 -20.14 18.02
CA LYS B 36 -5.06 -21.08 18.98
C LYS B 36 -4.60 -22.52 18.79
N ASP B 37 -3.80 -22.76 17.74
CA ASP B 37 -3.41 -24.11 17.35
C ASP B 37 -2.05 -24.48 17.93
N PRO B 38 -2.02 -25.40 18.92
CA PRO B 38 -0.77 -25.82 19.58
C PRO B 38 0.23 -26.47 18.61
N GLU B 39 -0.27 -27.10 17.56
CA GLU B 39 0.59 -27.70 16.55
C GLU B 39 1.26 -26.64 15.67
N PHE B 40 0.53 -25.58 15.33
CA PHE B 40 1.10 -24.44 14.59
C PHE B 40 2.19 -23.75 15.41
N GLN B 41 1.88 -23.54 16.69
CA GLN B 41 2.80 -22.85 17.59
C GLN B 41 4.09 -23.63 17.79
N ALA B 42 3.97 -24.96 17.89
CA ALA B 42 5.12 -25.84 18.09
C ALA B 42 6.02 -25.86 16.88
N GLN B 43 5.41 -25.83 15.70
CA GLN B 43 6.10 -25.83 14.42
C GLN B 43 6.81 -24.49 14.20
N PHE B 44 6.08 -23.40 14.44
CA PHE B 44 6.65 -22.06 14.41
C PHE B 44 7.83 -21.97 15.38
N ALA B 45 7.60 -22.37 16.64
CA ALA B 45 8.65 -22.44 17.66
C ALA B 45 9.87 -23.22 17.20
N ASP B 46 9.63 -24.39 16.61
CA ASP B 46 10.70 -25.25 16.13
C ASP B 46 11.56 -24.55 15.07
N LEU B 47 10.90 -23.90 14.11
CA LEU B 47 11.62 -23.18 13.05
C LEU B 47 12.44 -22.04 13.64
N LEU B 48 11.83 -21.27 14.54
CA LEU B 48 12.51 -20.15 15.18
C LEU B 48 13.76 -20.59 15.93
N LYS B 49 13.63 -21.64 16.74
CA LYS B 49 14.74 -22.19 17.52
C LYS B 49 15.78 -22.89 16.65
N ASN B 50 15.36 -23.93 15.95
CA ASN B 50 16.29 -24.87 15.34
C ASN B 50 16.73 -24.49 13.93
N TYR B 51 16.02 -23.56 13.31
CA TYR B 51 16.34 -23.14 11.94
C TYR B 51 16.86 -21.70 11.88
N ALA B 52 16.15 -20.79 12.56
CA ALA B 52 16.47 -19.35 12.56
C ALA B 52 17.59 -18.99 13.53
N GLY B 53 17.61 -19.68 14.67
CA GLY B 53 18.64 -19.52 15.68
C GLY B 53 18.24 -18.79 16.96
N ARG B 54 16.95 -18.72 17.26
CA ARG B 54 16.45 -18.06 18.47
C ARG B 54 16.70 -18.93 19.72
N PRO B 55 16.80 -18.30 20.91
CA PRO B 55 16.80 -16.86 21.16
C PRO B 55 18.09 -16.19 20.70
N THR B 56 17.99 -14.96 20.23
CA THR B 56 19.18 -14.18 19.89
C THR B 56 19.79 -13.62 21.17
N ALA B 57 21.10 -13.42 21.13
CA ALA B 57 21.84 -12.84 22.24
C ALA B 57 21.40 -11.41 22.57
N LEU B 58 21.58 -11.03 23.83
CA LEU B 58 21.47 -9.65 24.29
C LEU B 58 22.87 -9.27 24.74
N THR B 59 23.53 -8.45 23.92
CA THR B 59 24.95 -8.11 24.09
C THR B 59 25.14 -6.79 24.82
N LYS B 60 25.83 -6.82 25.95
CA LYS B 60 26.24 -5.62 26.67
C LYS B 60 27.44 -4.96 26.00
N CYS B 61 27.27 -3.72 25.52
CA CYS B 61 28.39 -2.92 25.03
C CYS B 61 29.28 -2.55 26.19
N GLN B 62 30.59 -2.68 26.04
CA GLN B 62 31.50 -2.32 27.14
C GLN B 62 32.64 -1.42 26.68
N ASN B 63 32.48 -0.79 25.52
CA ASN B 63 33.42 0.20 25.03
C ASN B 63 32.72 1.53 24.72
N ILE B 64 31.62 1.45 23.96
CA ILE B 64 31.04 2.67 23.39
C ILE B 64 30.35 3.56 24.41
N THR B 65 30.08 3.01 25.58
CA THR B 65 29.47 3.75 26.66
C THR B 65 30.46 4.07 27.79
N ALA B 66 31.76 3.92 27.51
CA ALA B 66 32.81 4.22 28.50
C ALA B 66 32.73 5.68 28.89
N GLY B 67 32.92 5.98 30.17
CA GLY B 67 32.93 7.36 30.65
C GLY B 67 31.56 7.98 30.87
N THR B 68 30.50 7.18 30.69
CA THR B 68 29.14 7.66 30.87
C THR B 68 28.45 6.74 31.86
N ARG B 69 27.27 7.14 32.34
CA ARG B 69 26.46 6.26 33.19
C ARG B 69 25.35 5.56 32.38
N THR B 70 25.56 5.45 31.07
CA THR B 70 24.65 4.69 30.21
C THR B 70 25.16 3.25 30.14
N THR B 71 24.26 2.30 30.41
CA THR B 71 24.51 0.88 30.11
C THR B 71 23.67 0.52 28.89
N LEU B 72 24.34 0.04 27.84
CA LEU B 72 23.69 -0.25 26.57
C LEU B 72 23.78 -1.73 26.21
N TYR B 73 22.64 -2.35 25.93
CA TYR B 73 22.59 -3.70 25.40
C TYR B 73 22.04 -3.66 23.99
N LEU B 74 22.49 -4.57 23.15
CA LEU B 74 21.98 -4.72 21.81
C LEU B 74 21.28 -6.06 21.71
N LYS B 75 20.02 -6.05 21.28
CA LYS B 75 19.29 -7.28 20.97
C LYS B 75 19.71 -7.70 19.58
N ARG B 76 20.29 -8.90 19.50
CA ARG B 76 21.12 -9.29 18.36
C ARG B 76 20.35 -9.97 17.24
N GLU B 77 19.39 -9.23 16.66
CA GLU B 77 18.61 -9.75 15.53
C GLU B 77 19.49 -9.87 14.28
N ASP B 78 20.64 -9.21 14.32
CA ASP B 78 21.69 -9.39 13.29
C ASP B 78 22.24 -10.81 13.28
N LEU B 79 22.04 -11.55 14.37
CA LEU B 79 22.53 -12.92 14.46
C LEU B 79 21.53 -13.93 13.88
N LEU B 80 20.30 -13.48 13.67
CA LEU B 80 19.23 -14.34 13.13
C LEU B 80 19.58 -14.83 11.74
N HIS B 81 19.18 -16.06 11.41
CA HIS B 81 19.41 -16.63 10.08
C HIS B 81 18.81 -15.69 9.02
N GLY B 82 19.61 -15.36 8.00
CA GLY B 82 19.19 -14.39 6.98
C GLY B 82 19.83 -13.05 7.25
N GLY B 83 19.98 -12.72 8.53
CA GLY B 83 20.75 -11.56 8.96
C GLY B 83 19.95 -10.36 9.42
N ALA B 84 18.65 -10.58 9.66
CA ALA B 84 17.74 -9.54 10.19
C ALA B 84 16.55 -10.17 10.90
N HIS B 85 15.87 -9.35 11.71
CA HIS B 85 14.63 -9.72 12.42
C HIS B 85 13.56 -10.20 11.44
N LYS B 86 13.62 -9.73 10.20
CA LYS B 86 12.63 -10.02 9.17
C LYS B 86 12.26 -11.50 9.10
N THR B 87 13.24 -12.36 9.37
CA THR B 87 13.08 -13.80 9.25
C THR B 87 12.01 -14.36 10.20
N ASN B 88 11.84 -13.74 11.36
CA ASN B 88 10.89 -14.24 12.36
C ASN B 88 9.51 -14.40 11.79
N GLN B 89 8.98 -13.29 11.28
CA GLN B 89 7.58 -13.25 10.88
C GLN B 89 7.33 -13.93 9.53
N VAL B 90 8.31 -13.93 8.63
CA VAL B 90 8.13 -14.60 7.33
C VAL B 90 7.94 -16.10 7.50
N LEU B 91 8.57 -16.67 8.54
CA LEU B 91 8.45 -18.08 8.86
C LEU B 91 7.04 -18.40 9.36
N GLY B 92 6.46 -17.51 10.16
CA GLY B 92 5.06 -17.63 10.58
C GLY B 92 4.10 -17.44 9.41
N GLN B 93 4.33 -16.41 8.60
CA GLN B 93 3.47 -16.13 7.45
C GLN B 93 3.52 -17.23 6.41
N ALA B 94 4.70 -17.83 6.23
CA ALA B 94 4.88 -18.94 5.30
C ALA B 94 4.09 -20.16 5.76
N LEU B 95 4.09 -20.40 7.06
CA LEU B 95 3.27 -21.48 7.61
C LEU B 95 1.79 -21.20 7.40
N LEU B 96 1.35 -19.96 7.66
CA LEU B 96 -0.01 -19.54 7.37
C LEU B 96 -0.36 -19.75 5.90
N ALA B 97 0.53 -19.32 5.00
CA ALA B 97 0.34 -19.50 3.56
C ALA B 97 0.05 -20.96 3.18
N LYS B 98 0.85 -21.88 3.71
CA LYS B 98 0.65 -23.31 3.48
C LYS B 98 -0.70 -23.75 4.06
N ARG B 99 -0.96 -23.32 5.28
CA ARG B 99 -2.21 -23.57 5.98
C ARG B 99 -3.44 -23.14 5.16
N MET B 100 -3.26 -22.15 4.29
CA MET B 100 -4.34 -21.67 3.41
C MET B 100 -4.28 -22.28 2.02
N GLY B 101 -3.43 -23.29 1.85
CA GLY B 101 -3.26 -23.97 0.57
C GLY B 101 -2.65 -23.14 -0.55
N LYS B 102 -1.86 -22.13 -0.20
CA LYS B 102 -1.17 -21.31 -1.21
C LYS B 102 0.19 -21.91 -1.53
N SER B 103 0.61 -21.79 -2.78
CA SER B 103 1.86 -22.40 -3.24
C SER B 103 2.86 -21.34 -3.73
N GLU B 104 2.40 -20.10 -3.79
CA GLU B 104 3.23 -19.01 -4.25
C GLU B 104 3.24 -17.88 -3.23
N ILE B 105 4.35 -17.15 -3.21
CA ILE B 105 4.55 -16.01 -2.34
C ILE B 105 4.87 -14.79 -3.18
N ILE B 106 4.22 -13.66 -2.87
CA ILE B 106 4.61 -12.34 -3.38
C ILE B 106 5.12 -11.52 -2.21
N ALA B 107 6.29 -10.91 -2.40
CA ALA B 107 6.88 -10.02 -1.41
C ALA B 107 7.52 -8.79 -2.05
N GLU B 108 7.50 -7.69 -1.31
CA GLU B 108 8.28 -6.51 -1.66
C GLU B 108 9.50 -6.47 -0.74
N THR B 109 10.55 -5.81 -1.21
CA THR B 109 11.75 -5.61 -0.42
C THR B 109 12.46 -4.30 -0.74
N GLY B 110 13.12 -3.73 0.25
CA GLY B 110 13.95 -2.53 0.09
C GLY B 110 15.39 -2.81 0.48
N ALA B 111 15.60 -3.16 1.76
CA ALA B 111 16.92 -3.55 2.25
C ALA B 111 17.32 -4.89 1.64
N GLY B 112 16.33 -5.65 1.19
CA GLY B 112 16.58 -6.97 0.63
C GLY B 112 16.63 -8.01 1.73
N GLN B 113 16.43 -7.57 2.97
CA GLN B 113 16.47 -8.52 4.10
C GLN B 113 15.17 -9.27 4.21
N HIS B 114 14.05 -8.58 3.98
CA HIS B 114 12.74 -9.25 3.93
C HIS B 114 12.65 -10.16 2.71
N GLY B 115 13.18 -9.68 1.58
CA GLY B 115 13.28 -10.48 0.38
C GLY B 115 14.02 -11.78 0.62
N VAL B 116 15.25 -11.66 1.12
CA VAL B 116 16.07 -12.80 1.50
C VAL B 116 15.32 -13.75 2.45
N ALA B 117 14.68 -13.19 3.46
CA ALA B 117 13.85 -13.98 4.37
C ALA B 117 12.69 -14.69 3.64
N SER B 118 12.01 -13.97 2.75
CA SER B 118 10.90 -14.57 2.00
C SER B 118 11.39 -15.70 1.08
N ALA B 119 12.55 -15.50 0.46
CA ALA B 119 13.18 -16.49 -0.42
C ALA B 119 13.61 -17.74 0.35
N LEU B 120 14.27 -17.54 1.49
CA LEU B 120 14.78 -18.66 2.28
C LEU B 120 13.64 -19.50 2.86
N ALA B 121 12.59 -18.83 3.33
CA ALA B 121 11.41 -19.51 3.88
C ALA B 121 10.69 -20.33 2.81
N SER B 122 10.69 -19.80 1.59
CA SER B 122 10.04 -20.40 0.43
C SER B 122 10.82 -21.60 -0.10
N ALA B 123 12.13 -21.49 -0.10
CA ALA B 123 13.00 -22.61 -0.38
C ALA B 123 12.74 -23.73 0.62
N LEU B 124 12.77 -23.38 1.91
CA LEU B 124 12.57 -24.36 2.96
C LEU B 124 11.22 -25.07 2.86
N LEU B 125 10.15 -24.28 2.77
CA LEU B 125 8.80 -24.81 2.92
C LEU B 125 8.05 -25.05 1.59
N GLY B 126 8.74 -24.89 0.46
CA GLY B 126 8.21 -25.34 -0.82
C GLY B 126 7.21 -24.39 -1.48
N LEU B 127 7.54 -23.10 -1.45
CA LEU B 127 6.73 -22.07 -2.09
C LEU B 127 7.50 -21.43 -3.24
N LYS B 128 6.77 -20.98 -4.26
CA LYS B 128 7.38 -20.25 -5.37
C LYS B 128 7.37 -18.74 -5.07
N CYS B 129 8.55 -18.18 -4.88
CA CYS B 129 8.70 -16.83 -4.38
C CYS B 129 9.10 -15.83 -5.48
N ARG B 130 8.30 -14.78 -5.62
CA ARG B 130 8.67 -13.63 -6.47
C ARG B 130 8.73 -12.34 -5.65
N ILE B 131 9.76 -11.54 -5.92
CA ILE B 131 10.10 -10.42 -5.07
C ILE B 131 10.23 -9.13 -5.88
N TYR B 132 9.49 -8.11 -5.44
CA TYR B 132 9.53 -6.78 -6.03
C TYR B 132 10.49 -5.89 -5.24
N MET B 133 11.41 -5.27 -5.96
CA MET B 133 12.44 -4.43 -5.36
C MET B 133 12.71 -3.27 -6.30
N GLY B 134 12.64 -2.04 -5.77
CA GLY B 134 12.99 -0.87 -6.57
C GLY B 134 14.39 -0.95 -7.16
N ALA B 135 14.51 -0.53 -8.42
CA ALA B 135 15.80 -0.52 -9.13
C ALA B 135 16.93 0.13 -8.34
N LYS B 136 16.63 1.21 -7.62
CA LYS B 136 17.64 1.90 -6.82
C LYS B 136 18.19 0.98 -5.73
N ASP B 137 17.31 0.23 -5.10
CA ASP B 137 17.67 -0.68 -4.02
C ASP B 137 18.38 -1.94 -4.53
N VAL B 138 17.97 -2.42 -5.71
CA VAL B 138 18.67 -3.52 -6.39
C VAL B 138 20.16 -3.18 -6.44
N GLU B 139 20.46 -1.89 -6.61
CA GLU B 139 21.82 -1.41 -6.78
C GLU B 139 22.52 -1.16 -5.44
N ARG B 140 21.90 -0.36 -4.57
CA ARG B 140 22.50 -0.04 -3.26
C ARG B 140 22.42 -1.17 -2.21
N GLN B 141 21.61 -2.19 -2.47
CA GLN B 141 21.54 -3.36 -1.57
C GLN B 141 21.80 -4.65 -2.36
N SER B 142 22.70 -4.56 -3.34
CA SER B 142 23.03 -5.65 -4.26
C SER B 142 23.35 -7.03 -3.64
N PRO B 143 24.11 -7.08 -2.51
CA PRO B 143 24.44 -8.40 -1.98
C PRO B 143 23.22 -9.28 -1.75
N ASN B 144 22.11 -8.64 -1.39
CA ASN B 144 20.87 -9.33 -1.11
C ASN B 144 20.13 -9.79 -2.37
N VAL B 145 20.39 -9.14 -3.50
CA VAL B 145 19.79 -9.54 -4.76
C VAL B 145 20.41 -10.86 -5.20
N PHE B 146 21.73 -10.98 -5.03
CA PHE B 146 22.46 -12.21 -5.29
C PHE B 146 21.94 -13.33 -4.38
N ARG B 147 21.84 -13.02 -3.09
CA ARG B 147 21.38 -13.99 -2.10
C ARG B 147 19.99 -14.52 -2.43
N MET B 148 19.03 -13.62 -2.63
CA MET B 148 17.67 -13.97 -3.08
C MET B 148 17.66 -14.89 -4.31
N ARG B 149 18.35 -14.49 -5.37
CA ARG B 149 18.35 -15.26 -6.62
C ARG B 149 18.99 -16.64 -6.47
N LEU B 150 20.10 -16.70 -5.73
CA LEU B 150 20.73 -17.99 -5.42
C LEU B 150 19.78 -18.95 -4.74
N MET B 151 18.85 -18.44 -3.95
CA MET B 151 17.86 -19.27 -3.26
C MET B 151 16.62 -19.59 -4.08
N GLY B 152 16.63 -19.18 -5.36
CA GLY B 152 15.59 -19.59 -6.30
C GLY B 152 14.39 -18.68 -6.36
N ALA B 153 14.48 -17.51 -5.73
CA ALA B 153 13.46 -16.49 -5.83
C ALA B 153 13.63 -15.67 -7.11
N GLU B 154 12.51 -15.26 -7.70
CA GLU B 154 12.52 -14.31 -8.80
C GLU B 154 12.60 -12.90 -8.23
N VAL B 155 13.58 -12.12 -8.66
CA VAL B 155 13.68 -10.72 -8.25
C VAL B 155 13.33 -9.82 -9.42
N ILE B 156 12.36 -8.94 -9.19
CA ILE B 156 11.79 -8.06 -10.21
C ILE B 156 12.10 -6.59 -9.90
N PRO B 157 13.05 -5.98 -10.65
CA PRO B 157 13.35 -4.56 -10.50
C PRO B 157 12.17 -3.66 -10.85
N VAL B 158 11.91 -2.68 -9.99
CA VAL B 158 10.85 -1.71 -10.23
C VAL B 158 11.47 -0.35 -10.51
N HIS B 159 11.18 0.19 -11.69
CA HIS B 159 11.79 1.43 -12.16
C HIS B 159 10.85 2.61 -12.02
N SER B 160 9.58 2.32 -11.71
CA SER B 160 8.55 3.33 -11.56
C SER B 160 8.82 4.23 -10.35
N GLY B 161 8.39 5.50 -10.46
CA GLY B 161 8.43 6.44 -9.33
C GLY B 161 9.81 6.71 -8.76
N SER B 162 9.93 6.59 -7.44
CA SER B 162 11.22 6.78 -6.77
C SER B 162 12.15 5.58 -6.92
N ALA B 163 11.63 4.49 -7.50
CA ALA B 163 12.37 3.25 -7.73
C ALA B 163 12.91 2.66 -6.42
N THR B 164 12.12 2.80 -5.36
CA THR B 164 12.49 2.32 -4.03
C THR B 164 11.32 1.56 -3.43
N LEU B 165 11.35 1.35 -2.12
CA LEU B 165 10.35 0.54 -1.40
C LEU B 165 8.89 0.85 -1.76
N LYS B 166 8.48 2.12 -1.66
CA LYS B 166 7.11 2.51 -2.02
C LYS B 166 6.66 1.88 -3.34
N ASP B 167 7.52 2.00 -4.35
CA ASP B 167 7.20 1.56 -5.71
C ASP B 167 7.20 0.04 -5.82
N ALA B 168 8.06 -0.61 -5.06
CA ALA B 168 8.05 -2.07 -4.92
C ALA B 168 6.75 -2.55 -4.27
N CYS B 169 6.33 -1.85 -3.20
CA CYS B 169 5.03 -2.08 -2.56
C CYS B 169 3.86 -1.99 -3.54
N ASN B 170 3.84 -0.93 -4.36
CA ASN B 170 2.83 -0.75 -5.39
C ASN B 170 2.67 -2.00 -6.25
N GLU B 171 3.79 -2.44 -6.82
CA GLU B 171 3.81 -3.56 -7.78
C GLU B 171 3.39 -4.87 -7.15
N ALA B 172 3.79 -5.07 -5.89
CA ALA B 172 3.45 -6.28 -5.15
C ALA B 172 1.94 -6.39 -4.94
N LEU B 173 1.33 -5.28 -4.53
CA LEU B 173 -0.13 -5.20 -4.32
C LEU B 173 -0.93 -5.34 -5.61
N ARG B 174 -0.49 -4.64 -6.65
CA ARG B 174 -1.06 -4.77 -7.99
C ARG B 174 -1.02 -6.23 -8.45
N ASP B 175 0.11 -6.89 -8.26
CA ASP B 175 0.27 -8.31 -8.59
C ASP B 175 -0.75 -9.15 -7.81
N TRP B 176 -0.75 -9.00 -6.48
CA TRP B 176 -1.60 -9.79 -5.59
C TRP B 176 -3.08 -9.66 -5.93
N SER B 177 -3.45 -8.45 -6.36
CA SER B 177 -4.80 -8.15 -6.86
C SER B 177 -5.26 -9.17 -7.90
N GLY B 178 -4.34 -9.68 -8.69
CA GLY B 178 -4.66 -10.61 -9.77
C GLY B 178 -4.23 -12.05 -9.54
N SER B 179 -3.72 -12.35 -8.35
CA SER B 179 -3.11 -13.66 -8.08
C SER B 179 -3.42 -14.22 -6.70
N TYR B 180 -4.28 -13.53 -5.95
CA TYR B 180 -4.55 -13.87 -4.54
C TYR B 180 -5.02 -15.31 -4.32
N GLU B 181 -5.64 -15.88 -5.35
CA GLU B 181 -6.16 -17.25 -5.25
C GLU B 181 -5.04 -18.27 -5.10
N THR B 182 -3.90 -17.98 -5.72
CA THR B 182 -2.76 -18.90 -5.71
C THR B 182 -1.58 -18.37 -4.89
N ALA B 183 -1.48 -17.05 -4.76
CA ALA B 183 -0.35 -16.40 -4.10
C ALA B 183 -0.73 -15.71 -2.79
N HIS B 184 0.10 -15.91 -1.77
CA HIS B 184 -0.02 -15.19 -0.52
C HIS B 184 0.93 -14.02 -0.54
N TYR B 185 0.41 -12.85 -0.22
CA TYR B 185 1.24 -11.66 -0.16
C TYR B 185 1.91 -11.57 1.21
N MET B 186 3.20 -11.90 1.25
CA MET B 186 3.96 -11.82 2.49
C MET B 186 4.47 -10.40 2.70
N LEU B 187 3.60 -9.55 3.24
CA LEU B 187 3.96 -8.18 3.54
C LEU B 187 5.07 -8.20 4.60
N GLY B 188 6.02 -7.27 4.48
CA GLY B 188 7.27 -7.34 5.23
C GLY B 188 7.38 -6.50 6.47
N THR B 189 6.34 -5.75 6.77
CA THR B 189 6.37 -4.82 7.89
C THR B 189 5.01 -4.74 8.60
N ALA B 190 4.97 -4.03 9.73
CA ALA B 190 3.74 -3.92 10.52
C ALA B 190 2.90 -2.76 9.99
N ALA B 191 2.60 -2.81 8.69
CA ALA B 191 1.88 -1.76 8.00
C ALA B 191 0.97 -2.42 6.97
N GLY B 192 0.27 -1.62 6.18
CA GLY B 192 -0.63 -2.15 5.19
C GLY B 192 -1.99 -2.43 5.80
N PRO B 193 -2.87 -3.12 5.04
CA PRO B 193 -4.21 -3.35 5.49
C PRO B 193 -4.28 -4.42 6.59
N HIS B 194 -5.23 -4.27 7.51
CA HIS B 194 -5.54 -5.31 8.47
C HIS B 194 -5.80 -6.60 7.67
N PRO B 195 -5.32 -7.76 8.16
CA PRO B 195 -4.71 -8.05 9.48
C PRO B 195 -3.18 -7.92 9.60
N TYR B 196 -2.51 -7.39 8.58
CA TYR B 196 -1.03 -7.42 8.56
C TYR B 196 -0.33 -6.75 9.75
N PRO B 197 -0.69 -5.50 10.10
CA PRO B 197 -0.01 -4.88 11.24
C PRO B 197 -0.10 -5.71 12.53
N THR B 198 -1.24 -6.38 12.72
CA THR B 198 -1.49 -7.23 13.88
C THR B 198 -0.69 -8.53 13.80
N ILE B 199 -0.71 -9.17 12.63
CA ILE B 199 0.02 -10.43 12.39
C ILE B 199 1.54 -10.23 12.50
N VAL B 200 2.06 -9.23 11.80
CA VAL B 200 3.50 -8.94 11.86
C VAL B 200 3.98 -8.68 13.29
N ARG B 201 3.21 -7.94 14.08
CA ARG B 201 3.53 -7.70 15.50
C ARG B 201 3.56 -9.00 16.31
N GLU B 202 2.53 -9.82 16.15
CA GLU B 202 2.45 -11.06 16.90
C GLU B 202 3.56 -12.03 16.49
N PHE B 203 3.99 -11.96 15.23
CA PHE B 203 5.08 -12.83 14.76
C PHE B 203 6.47 -12.22 14.95
N GLN B 204 6.54 -11.05 15.58
CA GLN B 204 7.79 -10.41 15.95
C GLN B 204 7.93 -10.20 17.46
N ARG B 205 6.87 -10.51 18.21
CA ARG B 205 6.83 -10.13 19.63
C ARG B 205 7.83 -10.86 20.51
N MET B 206 8.37 -11.97 20.02
CA MET B 206 9.39 -12.74 20.73
C MET B 206 10.67 -11.94 20.98
N ILE B 207 10.93 -10.94 20.14
CA ILE B 207 12.06 -10.05 20.33
C ILE B 207 11.99 -9.37 21.70
N GLY B 208 10.86 -8.75 21.97
CA GLY B 208 10.67 -8.01 23.22
C GLY B 208 10.51 -8.94 24.41
N GLU B 209 9.92 -10.11 24.18
CA GLU B 209 9.69 -11.13 25.22
C GLU B 209 11.03 -11.69 25.69
N GLU B 210 11.88 -12.09 24.73
CA GLU B 210 13.26 -12.50 25.02
C GLU B 210 14.05 -11.41 25.71
N THR B 211 14.00 -10.20 25.14
CA THR B 211 14.69 -9.05 25.72
C THR B 211 14.32 -8.87 27.19
N LYS B 212 13.01 -8.86 27.47
CA LYS B 212 12.56 -8.77 28.85
C LYS B 212 13.22 -9.83 29.74
N ALA B 213 13.10 -11.10 29.36
CA ALA B 213 13.65 -12.21 30.15
C ALA B 213 15.16 -12.08 30.35
N GLN B 214 15.84 -11.70 29.27
CA GLN B 214 17.30 -11.55 29.26
C GLN B 214 17.76 -10.40 30.15
N ILE B 215 17.19 -9.21 29.96
CA ILE B 215 17.55 -8.07 30.79
C ILE B 215 17.25 -8.29 32.29
N LEU B 216 16.19 -9.02 32.61
CA LEU B 216 15.88 -9.34 34.01
C LEU B 216 16.97 -10.22 34.61
N ASP B 217 17.40 -11.21 33.85
CA ASP B 217 18.46 -12.12 34.28
C ASP B 217 19.80 -11.39 34.49
N LYS B 218 20.15 -10.52 33.55
CA LYS B 218 21.43 -9.80 33.60
C LYS B 218 21.42 -8.60 34.56
N GLU B 219 20.29 -7.91 34.65
CA GLU B 219 20.24 -6.62 35.37
C GLU B 219 19.29 -6.58 36.57
N GLY B 220 18.40 -7.56 36.68
CA GLY B 220 17.45 -7.63 37.80
C GLY B 220 16.31 -6.63 37.72
N ARG B 221 16.15 -6.01 36.55
CA ARG B 221 15.10 -5.03 36.34
C ARG B 221 14.83 -4.80 34.87
N LEU B 222 13.80 -4.02 34.57
CA LEU B 222 13.45 -3.70 33.19
C LEU B 222 14.34 -2.58 32.63
N PRO B 223 14.42 -2.45 31.29
CA PRO B 223 15.15 -1.31 30.72
C PRO B 223 14.49 0.03 31.03
N ASP B 224 15.28 1.10 31.07
CA ASP B 224 14.72 2.45 31.12
C ASP B 224 14.02 2.81 29.81
N ALA B 225 14.56 2.30 28.73
CA ALA B 225 14.02 2.56 27.40
C ALA B 225 14.51 1.47 26.45
N VAL B 226 13.63 1.08 25.53
CA VAL B 226 14.01 0.27 24.38
C VAL B 226 13.91 1.12 23.12
N ILE B 227 14.92 1.02 22.25
CA ILE B 227 15.07 1.92 21.09
C ILE B 227 15.18 1.10 19.80
N ALA B 228 14.45 1.53 18.77
CA ALA B 228 14.37 0.80 17.51
C ALA B 228 14.06 1.72 16.34
N CYS B 229 14.65 1.42 15.20
CA CYS B 229 14.37 2.18 13.98
C CYS B 229 12.99 1.80 13.43
N VAL B 230 12.38 2.72 12.70
CA VAL B 230 11.05 2.52 12.17
C VAL B 230 11.05 2.74 10.65
N GLY B 231 11.00 1.63 9.92
CA GLY B 231 10.85 1.65 8.46
C GLY B 231 9.38 1.57 8.11
N GLY B 232 8.74 0.51 8.57
CA GLY B 232 7.27 0.42 8.54
C GLY B 232 6.76 0.01 9.91
N GLY B 233 7.67 -0.44 10.79
CA GLY B 233 7.34 -0.61 12.19
C GLY B 233 7.46 -2.00 12.78
N SER B 234 7.97 -2.97 12.01
CA SER B 234 7.96 -4.37 12.46
C SER B 234 8.94 -4.71 13.59
N ASN B 235 10.20 -4.35 13.42
CA ASN B 235 11.20 -4.58 14.47
C ASN B 235 10.89 -3.81 15.74
N ALA B 236 10.45 -2.56 15.56
CA ALA B 236 10.11 -1.71 16.71
C ALA B 236 8.92 -2.27 17.49
N ILE B 237 7.83 -2.61 16.80
CA ILE B 237 6.68 -3.20 17.49
C ILE B 237 7.00 -4.59 18.06
N GLY B 238 7.89 -5.33 17.39
CA GLY B 238 8.43 -6.58 17.88
C GLY B 238 9.14 -6.41 19.21
N MET B 239 9.97 -5.36 19.28
CA MET B 239 10.61 -4.96 20.52
C MET B 239 9.60 -4.41 21.56
N PHE B 240 8.73 -3.51 21.14
CA PHE B 240 7.83 -2.76 22.05
C PHE B 240 6.77 -3.60 22.74
N ALA B 241 6.21 -4.54 22.00
CA ALA B 241 4.92 -5.15 22.30
C ALA B 241 4.79 -5.65 23.75
N ASP B 242 5.77 -6.44 24.19
CA ASP B 242 5.72 -7.02 25.53
C ASP B 242 6.03 -5.98 26.60
N PHE B 243 6.50 -4.80 26.18
CA PHE B 243 6.82 -3.72 27.12
C PHE B 243 5.74 -2.64 27.24
N ILE B 244 4.72 -2.72 26.40
CA ILE B 244 3.65 -1.69 26.38
C ILE B 244 2.97 -1.51 27.74
N ASN B 245 2.64 -2.62 28.40
CA ASN B 245 2.02 -2.54 29.73
C ASN B 245 2.99 -2.26 30.88
N ASP B 246 4.29 -2.26 30.58
CA ASP B 246 5.33 -1.85 31.53
C ASP B 246 5.56 -0.35 31.38
N THR B 247 4.77 0.45 32.12
CA THR B 247 4.71 1.90 31.91
C THR B 247 6.00 2.65 32.22
N SER B 248 6.86 2.09 33.04
CA SER B 248 8.17 2.67 33.33
C SER B 248 9.15 2.56 32.16
N VAL B 249 8.84 1.67 31.21
CA VAL B 249 9.75 1.38 30.12
C VAL B 249 9.42 2.31 28.96
N GLY B 250 10.39 3.16 28.62
CA GLY B 250 10.26 4.08 27.51
C GLY B 250 10.35 3.33 26.21
N LEU B 251 9.52 3.70 25.25
CA LEU B 251 9.50 3.06 23.94
C LEU B 251 9.85 4.15 22.93
N ILE B 252 11.00 3.99 22.26
CA ILE B 252 11.49 5.04 21.36
C ILE B 252 11.70 4.53 19.93
N GLY B 253 11.01 5.18 18.99
CA GLY B 253 11.12 4.81 17.59
C GLY B 253 11.91 5.87 16.86
N VAL B 254 12.78 5.43 15.94
CA VAL B 254 13.65 6.32 15.20
C VAL B 254 13.35 6.27 13.70
N GLU B 255 12.82 7.38 13.19
CA GLU B 255 12.54 7.54 11.77
C GLU B 255 13.76 8.11 11.04
N PRO B 256 13.96 7.73 9.77
CA PRO B 256 15.06 8.31 8.99
C PRO B 256 14.88 9.81 8.77
N GLY B 257 15.87 10.59 9.20
CA GLY B 257 15.87 12.03 9.00
C GLY B 257 16.48 12.40 7.66
N GLY B 258 17.10 11.41 7.02
CA GLY B 258 17.65 11.57 5.67
C GLY B 258 18.74 12.61 5.63
N HIS B 259 18.60 13.55 4.70
CA HIS B 259 19.51 14.69 4.56
C HIS B 259 19.19 15.82 5.54
N GLY B 260 18.13 15.64 6.32
CA GLY B 260 17.64 16.67 7.23
C GLY B 260 16.15 16.85 7.00
N ILE B 261 15.37 16.89 8.08
CA ILE B 261 13.92 17.05 7.93
C ILE B 261 13.59 18.32 7.16
N GLU B 262 14.36 19.37 7.42
CA GLU B 262 14.12 20.68 6.79
C GLU B 262 14.36 20.64 5.27
N THR B 263 15.02 19.58 4.79
CA THR B 263 15.27 19.40 3.35
C THR B 263 14.06 18.79 2.64
N GLY B 264 13.20 18.10 3.39
CA GLY B 264 12.07 17.37 2.79
C GLY B 264 12.47 15.99 2.29
N GLU B 265 13.78 15.74 2.30
CA GLU B 265 14.34 14.47 1.86
C GLU B 265 14.64 13.62 3.07
N HIS B 266 13.60 12.92 3.53
CA HIS B 266 13.63 12.16 4.76
C HIS B 266 12.55 11.10 4.64
N GLY B 267 12.40 10.27 5.66
CA GLY B 267 11.32 9.29 5.69
C GLY B 267 10.65 9.28 7.05
N ALA B 268 10.20 10.45 7.50
CA ALA B 268 9.67 10.57 8.85
C ALA B 268 8.22 11.08 8.90
N PRO B 269 7.26 10.30 8.36
CA PRO B 269 5.86 10.75 8.29
C PRO B 269 5.16 10.79 9.65
N LEU B 270 5.59 9.96 10.58
CA LEU B 270 4.92 9.90 11.87
C LEU B 270 5.03 11.25 12.59
N LYS B 271 6.22 11.84 12.57
CA LYS B 271 6.44 13.13 13.23
C LYS B 271 6.41 14.31 12.27
N HIS B 272 6.60 14.06 10.98
CA HIS B 272 6.72 15.17 10.01
C HIS B 272 5.84 15.00 8.78
N GLY B 273 4.89 14.09 8.86
CA GLY B 273 3.93 13.88 7.81
C GLY B 273 2.55 14.29 8.25
N ARG B 274 1.55 13.67 7.64
CA ARG B 274 0.16 14.05 7.80
C ARG B 274 -0.67 12.81 7.52
N VAL B 275 -1.66 12.53 8.38
CA VAL B 275 -2.54 11.37 8.19
C VAL B 275 -3.17 11.37 6.79
N GLY B 276 -3.13 10.20 6.14
CA GLY B 276 -3.71 10.02 4.83
C GLY B 276 -4.15 8.59 4.63
N ILE B 277 -4.62 8.26 3.43
CA ILE B 277 -5.02 6.88 3.13
C ILE B 277 -4.27 6.37 1.92
N TYR B 278 -3.48 5.32 2.13
CA TYR B 278 -2.66 4.71 1.08
C TYR B 278 -1.99 3.46 1.62
N PHE B 279 -1.64 2.54 0.71
CA PHE B 279 -1.07 1.23 1.04
C PHE B 279 -1.97 0.44 1.99
N GLY B 280 -3.29 0.55 1.80
CA GLY B 280 -4.27 -0.25 2.51
C GLY B 280 -4.61 0.22 3.90
N MET B 281 -4.06 1.37 4.29
CA MET B 281 -4.20 1.85 5.65
C MET B 281 -4.38 3.36 5.74
N LYS B 282 -5.04 3.78 6.82
CA LYS B 282 -5.06 5.19 7.23
C LYS B 282 -3.94 5.39 8.24
N ALA B 283 -2.93 6.16 7.83
CA ALA B 283 -1.70 6.28 8.60
C ALA B 283 -1.00 7.59 8.25
N PRO B 284 -0.05 8.04 9.09
CA PRO B 284 0.81 9.16 8.75
C PRO B 284 1.50 8.92 7.41
N MET B 285 1.39 9.91 6.52
CA MET B 285 1.96 9.88 5.17
C MET B 285 2.76 11.14 4.90
N MET B 286 3.85 10.99 4.16
CA MET B 286 4.44 12.12 3.47
C MET B 286 3.58 12.37 2.24
N GLN B 287 2.92 13.52 2.20
CA GLN B 287 2.06 13.87 1.07
C GLN B 287 2.12 15.35 0.78
N THR B 288 1.89 15.71 -0.49
CA THR B 288 1.81 17.11 -0.90
C THR B 288 0.54 17.73 -0.34
N ALA B 289 0.42 19.06 -0.45
CA ALA B 289 -0.77 19.78 0.01
C ALA B 289 -2.03 19.26 -0.68
N ASP B 290 -1.87 18.86 -1.94
CA ASP B 290 -2.93 18.29 -2.79
C ASP B 290 -3.35 16.87 -2.43
N GLY B 291 -2.56 16.21 -1.59
CA GLY B 291 -2.85 14.82 -1.19
C GLY B 291 -2.21 13.76 -2.08
N GLN B 292 -1.20 14.15 -2.84
CA GLN B 292 -0.42 13.17 -3.61
C GLN B 292 0.65 12.63 -2.67
N ILE B 293 0.95 11.34 -2.79
CA ILE B 293 1.98 10.73 -1.93
C ILE B 293 3.38 11.22 -2.35
N GLU B 294 4.12 11.73 -1.37
CA GLU B 294 5.48 12.19 -1.57
C GLU B 294 6.42 11.00 -1.65
N GLU B 295 7.49 11.16 -2.41
CA GLU B 295 8.58 10.20 -2.37
C GLU B 295 9.42 10.50 -1.13
N SER B 296 9.85 9.44 -0.46
CA SER B 296 10.69 9.55 0.73
C SER B 296 12.15 9.50 0.31
N TYR B 297 13.05 9.79 1.25
CA TYR B 297 14.47 9.49 1.05
C TYR B 297 15.12 9.00 2.34
N SER B 298 15.99 8.00 2.22
CA SER B 298 16.93 7.63 3.27
C SER B 298 18.16 6.97 2.65
N ILE B 299 19.31 7.13 3.31
CA ILE B 299 20.50 6.35 2.98
C ILE B 299 20.18 4.85 3.09
N SER B 300 19.28 4.55 4.02
CA SER B 300 18.82 3.20 4.33
C SER B 300 17.59 2.84 3.54
N ALA B 301 17.76 1.89 2.63
CA ALA B 301 16.70 1.36 1.79
C ALA B 301 15.54 0.82 2.61
N GLY B 302 15.85 0.25 3.78
CA GLY B 302 14.82 -0.40 4.59
C GLY B 302 13.98 0.57 5.38
N LEU B 303 14.36 1.85 5.36
CA LEU B 303 13.62 2.89 6.07
C LEU B 303 13.04 3.90 5.07
N ASP B 304 13.42 3.74 3.81
CA ASP B 304 13.08 4.70 2.74
C ASP B 304 11.64 4.47 2.25
N PHE B 305 10.68 4.91 3.06
CA PHE B 305 9.28 4.62 2.85
C PHE B 305 8.50 5.82 3.40
N PRO B 306 7.56 6.37 2.61
CA PRO B 306 6.88 7.60 2.98
C PRO B 306 5.68 7.41 3.91
N SER B 307 5.57 6.24 4.54
CA SER B 307 4.51 6.05 5.54
C SER B 307 5.00 5.20 6.72
N VAL B 308 4.09 4.75 7.58
CA VAL B 308 4.48 4.07 8.80
C VAL B 308 3.26 3.32 9.32
N GLY B 309 3.49 2.25 10.07
CA GLY B 309 2.44 1.38 10.58
C GLY B 309 1.53 2.05 11.58
N PRO B 310 0.23 1.68 11.57
CA PRO B 310 -0.82 2.33 12.33
C PRO B 310 -0.68 2.22 13.85
N GLN B 311 -0.07 1.15 14.34
CA GLN B 311 0.05 0.99 15.81
C GLN B 311 1.06 1.96 16.38
N HIS B 312 2.08 2.32 15.59
CA HIS B 312 3.02 3.36 15.99
C HIS B 312 2.38 4.75 16.02
N ALA B 313 1.66 5.10 14.95
CA ALA B 313 0.88 6.34 14.91
C ALA B 313 -0.01 6.41 16.16
N TYR B 314 -0.66 5.29 16.46
CA TYR B 314 -1.49 5.20 17.66
C TYR B 314 -0.71 5.41 18.94
N LEU B 315 0.32 4.59 19.16
CA LEU B 315 1.11 4.61 20.39
C LEU B 315 1.74 5.97 20.62
N ASN B 316 2.05 6.68 19.53
CA ASN B 316 2.52 8.04 19.62
C ASN B 316 1.41 8.99 20.07
N SER B 317 0.25 8.91 19.44
CA SER B 317 -0.83 9.87 19.67
C SER B 317 -1.23 9.93 21.14
N ILE B 318 -1.22 8.76 21.78
CA ILE B 318 -1.55 8.66 23.21
C ILE B 318 -0.34 8.87 24.12
N GLY B 319 0.82 9.12 23.50
CA GLY B 319 2.05 9.36 24.23
C GLY B 319 2.65 8.17 24.98
N ARG B 320 2.26 6.95 24.59
CA ARG B 320 2.90 5.74 25.11
C ARG B 320 4.34 5.61 24.59
N ALA B 321 4.52 5.87 23.30
CA ALA B 321 5.83 5.76 22.69
C ALA B 321 6.23 7.09 22.08
N ASP B 322 7.54 7.32 22.04
CA ASP B 322 8.08 8.57 21.53
C ASP B 322 8.90 8.31 20.29
N TYR B 323 8.76 9.20 19.32
CA TYR B 323 9.42 9.03 18.03
C TYR B 323 10.32 10.22 17.74
N VAL B 324 11.51 9.92 17.21
CA VAL B 324 12.53 10.91 16.91
C VAL B 324 13.06 10.62 15.52
N SER B 325 14.00 11.43 15.06
CA SER B 325 14.65 11.13 13.79
C SER B 325 16.18 11.23 13.91
N ILE B 326 16.86 10.46 13.07
CA ILE B 326 18.30 10.43 12.97
C ILE B 326 18.64 10.58 11.48
N THR B 327 19.58 11.46 11.15
CA THR B 327 19.97 11.67 9.75
C THR B 327 20.93 10.59 9.24
N ASP B 328 21.15 10.59 7.92
CA ASP B 328 22.15 9.75 7.27
C ASP B 328 23.49 9.79 7.98
N ASP B 329 24.02 11.00 8.18
CA ASP B 329 25.35 11.20 8.77
C ASP B 329 25.41 10.72 10.22
N GLU B 330 24.33 10.96 10.95
CA GLU B 330 24.23 10.42 12.31
C GLU B 330 24.26 8.89 12.29
N ALA B 331 23.49 8.28 11.40
CA ALA B 331 23.44 6.82 11.26
C ALA B 331 24.78 6.24 10.83
N LEU B 332 25.46 6.91 9.90
CA LEU B 332 26.79 6.50 9.47
C LEU B 332 27.81 6.50 10.59
N GLU B 333 27.80 7.55 11.42
CA GLU B 333 28.78 7.67 12.51
C GLU B 333 28.58 6.50 13.45
N ALA B 334 27.32 6.20 13.75
CA ALA B 334 26.96 5.10 14.64
C ALA B 334 27.38 3.77 14.00
N PHE B 335 27.25 3.67 12.68
CA PHE B 335 27.70 2.48 11.94
C PHE B 335 29.19 2.26 12.18
N LYS B 336 29.97 3.34 12.05
CA LYS B 336 31.43 3.28 12.16
C LYS B 336 31.84 2.94 13.59
N THR B 337 31.18 3.60 14.53
CA THR B 337 31.43 3.41 15.95
C THR B 337 31.23 1.96 16.39
N LEU B 338 30.12 1.34 15.98
CA LEU B 338 29.88 -0.05 16.38
C LEU B 338 30.92 -0.99 15.76
N CYS B 339 31.14 -0.86 14.46
CA CYS B 339 32.20 -1.58 13.75
C CYS B 339 33.51 -1.58 14.50
N ARG B 340 33.96 -0.40 14.88
CA ARG B 340 35.33 -0.24 15.35
C ARG B 340 35.53 -0.39 16.85
N HIS B 341 34.45 -0.33 17.62
CA HIS B 341 34.56 -0.38 19.08
C HIS B 341 33.83 -1.54 19.72
N GLU B 342 32.91 -2.18 19.00
CA GLU B 342 32.27 -3.40 19.51
C GLU B 342 32.45 -4.61 18.60
N GLY B 343 33.04 -4.39 17.43
CA GLY B 343 33.27 -5.46 16.47
C GLY B 343 32.01 -6.04 15.88
N ILE B 344 30.99 -5.21 15.75
CA ILE B 344 29.72 -5.63 15.17
C ILE B 344 29.39 -4.70 14.02
N ILE B 345 29.09 -5.26 12.85
CA ILE B 345 28.67 -4.45 11.71
C ILE B 345 27.15 -4.45 11.62
N PRO B 346 26.51 -3.30 11.95
CA PRO B 346 25.06 -3.23 11.93
C PRO B 346 24.51 -2.85 10.56
N ALA B 347 23.25 -3.16 10.29
CA ALA B 347 22.58 -2.57 9.13
C ALA B 347 22.48 -1.08 9.36
N LEU B 348 22.54 -0.32 8.26
CA LEU B 348 22.35 1.14 8.31
C LEU B 348 20.99 1.51 8.89
N GLU B 349 20.01 0.62 8.76
CA GLU B 349 18.69 0.79 9.38
C GLU B 349 18.86 0.78 10.88
N SER B 350 19.44 -0.31 11.39
CA SER B 350 19.70 -0.50 12.83
C SER B 350 20.55 0.63 13.38
N SER B 351 21.50 1.10 12.57
CA SER B 351 22.40 2.18 12.96
C SER B 351 21.67 3.46 13.36
N HIS B 352 20.49 3.68 12.77
CA HIS B 352 19.62 4.78 13.19
C HIS B 352 19.20 4.63 14.66
N ALA B 353 18.83 3.42 15.05
CA ALA B 353 18.45 3.16 16.44
C ALA B 353 19.64 3.38 17.37
N LEU B 354 20.78 2.85 16.96
CA LEU B 354 22.00 3.02 17.73
C LEU B 354 22.42 4.47 17.86
N ALA B 355 22.36 5.22 16.75
CA ALA B 355 22.72 6.64 16.75
C ALA B 355 21.93 7.41 17.81
N HIS B 356 20.62 7.21 17.85
CA HIS B 356 19.83 7.91 18.85
C HIS B 356 20.21 7.49 20.27
N ALA B 357 20.40 6.21 20.49
CA ALA B 357 20.85 5.73 21.81
C ALA B 357 22.17 6.38 22.21
N LEU B 358 23.05 6.58 21.23
CA LEU B 358 24.35 7.20 21.49
C LEU B 358 24.19 8.67 21.83
N LYS B 359 23.20 9.31 21.20
CA LYS B 359 22.81 10.70 21.49
C LYS B 359 22.24 10.84 22.90
N MET B 360 21.37 9.91 23.28
CA MET B 360 20.83 9.88 24.65
C MET B 360 21.95 9.88 25.68
N MET B 361 22.94 9.01 25.47
CA MET B 361 24.12 8.91 26.31
C MET B 361 25.02 10.15 26.25
N ARG B 362 25.35 10.60 25.05
CA ARG B 362 26.28 11.70 24.88
C ARG B 362 25.73 13.03 25.39
N GLU B 363 24.43 13.26 25.14
CA GLU B 363 23.74 14.49 25.54
C GLU B 363 23.70 14.66 27.06
N GLN B 364 23.62 13.55 27.77
CA GLN B 364 23.53 13.56 29.22
C GLN B 364 24.33 12.39 29.79
N PRO B 365 25.68 12.48 29.77
CA PRO B 365 26.58 11.37 30.12
C PRO B 365 26.54 10.93 31.57
N GLU B 366 26.03 11.79 32.45
CA GLU B 366 25.94 11.48 33.87
C GLU B 366 24.54 11.02 34.29
N LYS B 367 23.64 10.93 33.31
CA LYS B 367 22.32 10.35 33.54
C LYS B 367 22.45 8.84 33.58
N GLU B 368 22.03 8.24 34.68
CA GLU B 368 22.06 6.80 34.81
C GLU B 368 20.88 6.23 34.00
N GLN B 369 21.19 5.42 32.99
CA GLN B 369 20.17 4.84 32.13
C GLN B 369 20.56 3.47 31.58
N LEU B 370 19.60 2.55 31.60
CA LEU B 370 19.76 1.20 31.05
C LEU B 370 18.94 1.10 29.77
N LEU B 371 19.65 1.03 28.65
CA LEU B 371 19.04 1.11 27.34
C LEU B 371 19.18 -0.21 26.59
N VAL B 372 18.16 -0.55 25.81
CA VAL B 372 18.26 -1.65 24.84
C VAL B 372 18.00 -1.09 23.44
N VAL B 373 18.97 -1.31 22.55
CA VAL B 373 18.80 -1.02 21.14
C VAL B 373 18.48 -2.34 20.45
N ASN B 374 17.42 -2.36 19.66
CA ASN B 374 17.17 -3.50 18.82
C ASN B 374 18.10 -3.42 17.60
N LEU B 375 19.10 -4.28 17.55
CA LEU B 375 19.98 -4.31 16.39
C LEU B 375 19.30 -5.23 15.41
N SER B 376 18.44 -4.61 14.59
CA SER B 376 17.50 -5.34 13.75
C SER B 376 18.20 -6.26 12.72
N GLY B 377 19.40 -5.87 12.27
CA GLY B 377 20.18 -6.67 11.34
C GLY B 377 21.65 -6.34 11.23
N ARG B 378 22.35 -7.13 10.42
CA ARG B 378 23.78 -6.95 10.14
C ARG B 378 23.99 -6.14 8.85
N GLY B 379 25.16 -5.53 8.72
CA GLY B 379 25.39 -4.57 7.65
C GLY B 379 26.19 -5.03 6.46
N ASP B 380 26.30 -6.35 6.31
CA ASP B 380 26.93 -6.97 5.14
C ASP B 380 26.40 -6.40 3.82
N LYS B 381 25.10 -6.11 3.79
CA LYS B 381 24.42 -5.59 2.62
C LYS B 381 24.77 -4.13 2.31
N ASP B 382 25.32 -3.43 3.30
CA ASP B 382 25.55 -1.99 3.23
C ASP B 382 27.01 -1.69 2.98
N ILE B 383 27.81 -2.75 3.05
CA ILE B 383 29.26 -2.68 2.95
C ILE B 383 29.77 -1.77 1.83
N PHE B 384 29.29 -2.00 0.61
CA PHE B 384 29.78 -1.26 -0.56
C PHE B 384 29.25 0.17 -0.60
N THR B 385 27.98 0.31 -0.24
CA THR B 385 27.32 1.62 -0.15
C THR B 385 28.05 2.54 0.82
N VAL B 386 28.35 2.02 2.01
CA VAL B 386 29.12 2.75 3.02
C VAL B 386 30.54 3.08 2.52
N HIS B 387 31.23 2.09 1.95
CA HIS B 387 32.55 2.31 1.35
C HIS B 387 32.52 3.46 0.32
N ASP B 388 31.63 3.35 -0.66
CA ASP B 388 31.50 4.36 -1.73
C ASP B 388 31.27 5.78 -1.20
N ILE B 389 30.54 5.88 -0.10
CA ILE B 389 30.30 7.17 0.55
C ILE B 389 31.56 7.69 1.23
N LEU B 390 32.17 6.85 2.08
CA LEU B 390 33.34 7.25 2.83
C LEU B 390 34.52 7.58 1.90
N LYS B 391 34.65 6.81 0.83
CA LYS B 391 35.68 7.07 -0.18
C LYS B 391 35.49 8.44 -0.80
N ALA B 392 34.25 8.76 -1.17
CA ALA B 392 33.89 10.07 -1.76
C ALA B 392 34.26 11.25 -0.86
N ARG B 393 34.33 10.99 0.44
CA ARG B 393 34.89 11.93 1.42
C ARG B 393 36.40 11.72 1.50
O1 G3P C . -13.40 2.18 -15.33
C1 G3P C . -12.15 1.94 -14.96
C2 G3P C . -11.33 1.39 -16.06
O2 G3P C . -10.10 1.88 -16.15
C3 G3P C . -11.20 -0.05 -15.96
O1P G3P C . -11.44 -0.66 -17.27
O4P G3P C . -9.51 -2.16 -17.72
O2P G3P C . -9.21 0.32 -18.03
O3P G3P C . -10.75 -0.95 -19.56
P G3P C . -10.12 -0.87 -18.19
N1 IDM D . -11.68 3.04 -14.05
C2 IDM D . -10.45 3.79 -14.46
C3 IDM D . -9.31 3.46 -13.44
C4A IDM D . -10.05 2.58 -12.46
C4 IDM D . -9.55 2.01 -11.31
C5 IDM D . -10.43 1.23 -10.53
C6 IDM D . -11.77 1.03 -10.93
C7 IDM D . -12.26 1.62 -12.11
C7A IDM D . -11.37 2.40 -12.86
CS CS E . 9.42 5.39 7.30
CS CS F . 21.50 -18.56 19.88
CS CS G . 29.11 2.72 31.25
N1 PLP H . 16.08 -3.18 10.06
C2 PLP H . 16.49 -3.95 8.99
C2A PLP H . 17.75 -4.75 9.12
C3 PLP H . 15.74 -3.98 7.78
O3 PLP H . 16.12 -4.69 6.80
C4 PLP H . 14.51 -3.14 7.75
C4A PLP H . 13.68 -3.09 6.63
C5 PLP H . 14.15 -2.37 8.92
C6 PLP H . 14.96 -2.43 10.05
C5A PLP H . 12.90 -1.50 8.95
O4P PLP H . 11.60 -2.14 8.93
P PLP H . 10.73 -2.29 10.05
O1P PLP H . 10.37 -0.90 10.53
O2P PLP H . 9.56 -3.02 9.46
O3P PLP H . 11.48 -3.10 11.09
N MH6 I . 13.90 -3.79 5.46
CA MH6 I . 13.13 -3.98 4.41
C MH6 I . 13.51 -5.16 3.50
CB MH6 I . 11.92 -3.13 4.11
O MH6 I . 14.51 -5.79 3.86
OXT MH6 I . 12.78 -5.34 2.51
N1 IDM J . 10.67 -3.63 4.79
C2 IDM J . 10.10 -4.81 4.06
C3 IDM J . 8.77 -4.37 3.37
C4A IDM J . 8.60 -3.00 3.96
C4 IDM J . 7.58 -2.11 3.68
C5 IDM J . 7.63 -0.83 4.32
C6 IDM J . 8.68 -0.52 5.20
C7 IDM J . 9.72 -1.43 5.46
C7A IDM J . 9.66 -2.69 4.82
#